data_8U4O
#
_entry.id   8U4O
#
_cell.length_a   1.00
_cell.length_b   1.00
_cell.length_c   1.00
_cell.angle_alpha   90.00
_cell.angle_beta   90.00
_cell.angle_gamma   90.00
#
_symmetry.space_group_name_H-M   'P 1'
#
loop_
_entity.id
_entity.type
_entity.pdbx_description
1 polymer 'C-X-C chemokine receptor type 4'
2 polymer 'Guanine nucleotide-binding protein G(i) subunit alpha-1'
3 polymer 'Guanine nucleotide-binding protein G(I)/G(S)/G(T) subunit beta-1'
4 polymer 'Guanine nucleotide-binding protein G(I)/G(S)/G(O) subunit gamma-2'
5 polymer 'Stromal cell-derived factor 1'
6 non-polymer CHOLESTEROL
#
loop_
_entity_poly.entity_id
_entity_poly.type
_entity_poly.pdbx_seq_one_letter_code
_entity_poly.pdbx_strand_id
1 'polypeptide(L)'
;MKTIIALSYIFCLVFAGAPEGISIYTSDNYTEEMGSGDYDSMKEPCFREENANFNKIFLPTIYSIIFLTGIVGNGLVILV
MGYQKKLRSMTDKYRLHLSVADLLFVITLPFWAVDAVANWYFGNFLCKAVHVIYTVSLYSSVLILAFISLDRYLAIVHAT
NSQRPRKLLAEKVVYVGVWIPALLLTIPDFIFANVSEADDRYICDRFYPNDLWVVVFQFQHIMVGLILPGIVILSCYCII
ISKLSHSKGHQKRKALKTTVILILAFFACWLPYYIGISIDSFILLEIIKQGCEFENTVHKWISITEALAFFHCCLNPILY
AFLGAKFKTSAQHALTSVSRGSSLKILSKGKRGGHSSVSTESESSSFHSSGRPLEVLFQGPGGGGSVSKGEELFTGVVPI
LVELDGDVNGHKFSVSGEGEGDATYGKLTLKFICTTGKLPVPWPTLVTTLTYGVQCFSRYPDHMKQHDFFKSAMPEGYVQ
ERTIFFKDDGNYKTRAEVKFEGDTLVNRIELKGIDFKEDGNILGHKLEYNYNSHNVYIMADKQKNGIKVNFKIRHNIEDG
SVQLADHYQQNTPIGDGPVLLPDNHYLSTQSKLSKDPNEKRDHMVLLEFVTAAGITLGMDELYKDYKDDDDK
;
R
2 'polypeptide(L)'
;MHHHHHHGGGGSGCTLSAEDKAAVERSKMIDRNLREDGEKAAREVKLLLLGAGESGKCTIVKQMKIIHEAGYSEEECKQY
KAVVYSNTIQSIIAIIRAMGRLKIDFGDSARADDARQLFVLAGAAEEGFMTAELAGVIKRLWKDSGVQACFNRSREYQLN
DSAAYYLNDLDRIAQPNYIPTQQDVLRTRVKTTGIVETHFTFKDLHFKMFDVTAQRSERKKWIHCFEGVTAIIFCVALSD
YDLVLAEDEEMNRMHASMKLFDSICNNKWFTDTSIILFLNKKDLFEEKIKKSPLTICYPEYAGSNTYEEAAAYIQCQFED
LNKRKDTKEIYTHFTCSTDTKNVQFVFDAVTDVIIKNNLKDCGLF
;
A
3 'polypeptide(L)'
;MHHHHHHGSSGSELDQLRQEAEQLKNQIRDARKACADATLSQITNNIDPVGRIQMRTRRTLRGHLAKIYAMHWGTDSRLL
VSASQDGKLIIWDSYTTNKVHAIPLRSSWVMTCAYAPSGNYVACGGLDNICSIYNLKTREGNVRVSRELAGHTGYLSCCR
FLDDNQIVTSSGDTTCALWDIETGQQTTTFTGHTGDVMSLSLAPDTRLFVSGACDASAKLWDVREGMCRQTFTGHESDIN
AICFFPNGNAFATGSDDATCRLFDLRADQELMTYSHDNIICGITSVSFSKSGRLLLAGYDDFNCNVWDALKADRAGVLAG
HDNRVSCLGVTDDGMAVATGSWDSFLKIWN
;
B
4 'polypeptide(L)' MASNNTASIAQARKLVEQLKMEANIDRIKVSKAAADLMAYCEAHAKEDPLLTPVPASENPFREKKFFCAIL C
5 'polypeptide(L)' KPVSLSYRCPCRFFESHVARANVKHLKILNTPNCALQIVARLKNNNRQVCIDPKLKWIQEYLEKALNK J
#
# COMPACT_ATOMS: atom_id res chain seq x y z
N MET A 42 -46.61 -3.23 50.54
CA MET A 42 -45.76 -3.08 49.36
C MET A 42 -44.29 -3.29 49.71
N LYS A 43 -44.03 -3.59 50.98
CA LYS A 43 -42.68 -3.81 51.47
C LYS A 43 -42.34 -5.29 51.64
N GLU A 44 -43.17 -6.18 51.10
CA GLU A 44 -42.90 -7.61 51.23
C GLU A 44 -41.66 -7.98 50.42
N PRO A 45 -40.68 -8.66 51.03
CA PRO A 45 -39.46 -9.00 50.30
C PRO A 45 -39.61 -10.26 49.46
N CYS A 46 -39.01 -10.23 48.28
CA CYS A 46 -38.91 -11.40 47.42
C CYS A 46 -37.45 -11.71 47.14
N PHE A 47 -37.19 -12.95 46.71
CA PHE A 47 -35.84 -13.47 46.57
C PHE A 47 -35.48 -13.61 45.10
N ARG A 48 -34.21 -13.33 44.78
CA ARG A 48 -33.70 -13.40 43.42
C ARG A 48 -33.34 -14.81 42.95
N GLU A 49 -33.83 -15.86 43.61
CA GLU A 49 -33.48 -17.22 43.20
C GLU A 49 -34.01 -17.52 41.80
N GLU A 50 -35.17 -16.96 41.45
CA GLU A 50 -35.75 -17.24 40.14
C GLU A 50 -34.84 -16.74 39.03
N ASN A 51 -34.26 -15.55 39.21
CA ASN A 51 -33.36 -15.05 38.18
C ASN A 51 -32.09 -15.88 38.15
N ALA A 52 -31.65 -16.35 39.32
CA ALA A 52 -30.40 -17.12 39.42
C ALA A 52 -30.53 -18.42 38.63
N ASN A 53 -31.73 -19.01 38.61
CA ASN A 53 -31.92 -20.26 37.89
C ASN A 53 -31.65 -20.09 36.40
N PHE A 54 -32.16 -19.00 35.81
CA PHE A 54 -31.90 -18.72 34.40
C PHE A 54 -30.46 -18.28 34.17
N ASN A 55 -29.90 -17.50 35.11
CA ASN A 55 -28.58 -16.93 34.94
C ASN A 55 -27.49 -17.99 35.00
N LYS A 56 -27.71 -19.06 35.77
CA LYS A 56 -26.70 -20.11 35.87
C LYS A 56 -26.48 -20.80 34.53
N ILE A 57 -27.56 -21.00 33.76
CA ILE A 57 -27.51 -21.81 32.56
C ILE A 57 -27.32 -20.97 31.30
N PHE A 58 -28.07 -19.87 31.15
CA PHE A 58 -28.08 -19.17 29.87
C PHE A 58 -26.80 -18.39 29.62
N LEU A 59 -26.19 -17.83 30.66
CA LEU A 59 -25.11 -16.86 30.46
C LEU A 59 -23.80 -17.49 29.99
N PRO A 60 -23.24 -18.52 30.67
CA PRO A 60 -21.89 -18.97 30.28
C PRO A 60 -21.78 -19.49 28.86
N THR A 61 -22.83 -20.09 28.30
CA THR A 61 -22.78 -20.54 26.91
C THR A 61 -22.59 -19.37 25.96
N ILE A 62 -23.39 -18.31 26.15
CA ILE A 62 -23.27 -17.12 25.32
C ILE A 62 -21.90 -16.48 25.49
N TYR A 63 -21.40 -16.43 26.73
CA TYR A 63 -20.07 -15.89 26.95
C TYR A 63 -19.00 -16.70 26.24
N SER A 64 -19.13 -18.03 26.25
CA SER A 64 -18.15 -18.88 25.56
C SER A 64 -18.19 -18.64 24.06
N ILE A 65 -19.39 -18.53 23.48
CA ILE A 65 -19.51 -18.27 22.04
C ILE A 65 -18.87 -16.93 21.69
N ILE A 66 -19.17 -15.90 22.48
CA ILE A 66 -18.58 -14.59 22.24
C ILE A 66 -17.06 -14.65 22.36
N PHE A 67 -16.57 -15.34 23.39
CA PHE A 67 -15.13 -15.48 23.58
C PHE A 67 -14.47 -16.10 22.36
N LEU A 68 -15.01 -17.22 21.89
CA LEU A 68 -14.40 -17.91 20.75
C LEU A 68 -14.41 -17.03 19.50
N THR A 69 -15.58 -16.50 19.15
CA THR A 69 -15.67 -15.74 17.89
C THR A 69 -14.83 -14.47 17.96
N GLY A 70 -14.87 -13.76 19.09
CA GLY A 70 -14.09 -12.54 19.22
C GLY A 70 -12.59 -12.80 19.20
N ILE A 71 -12.13 -13.85 19.89
CA ILE A 71 -10.71 -14.14 19.89
C ILE A 71 -10.24 -14.53 18.49
N VAL A 72 -11.05 -15.30 17.76
CA VAL A 72 -10.67 -15.67 16.39
C VAL A 72 -10.57 -14.43 15.51
N GLY A 73 -11.60 -13.58 15.55
CA GLY A 73 -11.61 -12.40 14.70
C GLY A 73 -10.48 -11.44 15.01
N ASN A 74 -10.27 -11.16 16.31
CA ASN A 74 -9.22 -10.23 16.69
C ASN A 74 -7.84 -10.80 16.43
N GLY A 75 -7.65 -12.12 16.58
CA GLY A 75 -6.39 -12.72 16.18
C GLY A 75 -6.11 -12.57 14.70
N LEU A 76 -7.14 -12.83 13.87
CA LEU A 76 -6.97 -12.64 12.43
C LEU A 76 -6.60 -11.21 12.10
N VAL A 77 -7.30 -10.24 12.72
CA VAL A 77 -7.04 -8.84 12.42
C VAL A 77 -5.64 -8.44 12.86
N ILE A 78 -5.22 -8.88 14.06
CA ILE A 78 -3.94 -8.46 14.60
C ILE A 78 -2.79 -9.08 13.82
N LEU A 79 -2.94 -10.35 13.39
CA LEU A 79 -1.91 -10.96 12.56
C LEU A 79 -1.86 -10.34 11.17
N VAL A 80 -3.01 -9.92 10.61
CA VAL A 80 -2.98 -9.21 9.34
C VAL A 80 -2.26 -7.88 9.48
N MET A 81 -2.53 -7.15 10.57
CA MET A 81 -1.86 -5.88 10.80
C MET A 81 -0.35 -6.06 11.01
N GLY A 82 0.03 -7.10 11.74
CA GLY A 82 1.45 -7.29 12.03
C GLY A 82 2.27 -7.61 10.80
N TYR A 83 1.71 -8.40 9.87
CA TYR A 83 2.42 -8.85 8.68
C TYR A 83 2.38 -7.83 7.55
N GLN A 84 2.10 -6.57 7.84
CA GLN A 84 2.07 -5.51 6.82
C GLN A 84 3.32 -4.66 6.97
N LYS A 85 4.09 -4.54 5.88
CA LYS A 85 5.36 -3.83 5.91
C LYS A 85 5.26 -2.38 5.43
N LYS A 86 4.25 -2.05 4.63
CA LYS A 86 4.11 -0.69 4.12
C LYS A 86 3.69 0.25 5.25
N LEU A 87 3.79 1.55 4.96
CA LEU A 87 3.43 2.56 5.95
C LEU A 87 1.95 2.45 6.30
N ARG A 88 1.66 2.49 7.61
CA ARG A 88 0.29 2.36 8.08
C ARG A 88 -0.43 3.69 8.00
N SER A 89 -1.69 3.64 7.58
CA SER A 89 -2.52 4.83 7.52
C SER A 89 -3.11 5.13 8.90
N MET A 90 -3.80 6.27 9.00
CA MET A 90 -4.43 6.66 10.26
C MET A 90 -5.50 5.66 10.67
N THR A 91 -6.32 5.23 9.70
CA THR A 91 -7.33 4.22 9.99
C THR A 91 -6.71 2.92 10.47
N ASP A 92 -5.52 2.57 9.97
CA ASP A 92 -4.81 1.40 10.49
C ASP A 92 -4.45 1.58 11.96
N LYS A 93 -4.01 2.77 12.35
CA LYS A 93 -3.71 3.01 13.76
C LYS A 93 -4.95 2.90 14.63
N TYR A 94 -6.06 3.48 14.15
CA TYR A 94 -7.31 3.39 14.92
C TYR A 94 -7.78 1.94 15.04
N ARG A 95 -7.66 1.17 13.96
CA ARG A 95 -8.03 -0.23 14.00
C ARG A 95 -7.13 -1.03 14.94
N LEU A 96 -5.84 -0.67 15.01
CA LEU A 96 -4.94 -1.33 15.93
C LEU A 96 -5.32 -1.06 17.39
N HIS A 97 -5.73 0.18 17.67
CA HIS A 97 -6.24 0.48 19.01
C HIS A 97 -7.51 -0.31 19.29
N LEU A 98 -8.42 -0.35 18.32
CA LEU A 98 -9.69 -1.02 18.53
C LEU A 98 -9.48 -2.50 18.78
N SER A 99 -8.56 -3.12 18.02
CA SER A 99 -8.27 -4.53 18.19
C SER A 99 -7.67 -4.81 19.56
N VAL A 100 -6.77 -3.94 20.02
CA VAL A 100 -6.20 -4.15 21.35
C VAL A 100 -7.29 -4.06 22.43
N ALA A 101 -8.17 -3.05 22.30
CA ALA A 101 -9.25 -2.90 23.28
C ALA A 101 -10.19 -4.10 23.27
N ASP A 102 -10.53 -4.59 22.08
CA ASP A 102 -11.41 -5.75 21.99
C ASP A 102 -10.75 -7.00 22.57
N LEU A 103 -9.46 -7.18 22.34
CA LEU A 103 -8.76 -8.31 22.95
C LEU A 103 -8.78 -8.22 24.46
N LEU A 104 -8.54 -7.02 25.01
CA LEU A 104 -8.59 -6.84 26.45
C LEU A 104 -9.98 -7.16 27.00
N PHE A 105 -11.03 -6.74 26.29
CA PHE A 105 -12.38 -7.09 26.74
C PHE A 105 -12.64 -8.59 26.65
N VAL A 106 -12.16 -9.22 25.58
CA VAL A 106 -12.48 -10.64 25.35
C VAL A 106 -11.80 -11.54 26.37
N ILE A 107 -10.55 -11.24 26.73
CA ILE A 107 -9.82 -12.09 27.67
C ILE A 107 -10.40 -12.03 29.07
N THR A 108 -11.46 -11.23 29.26
CA THR A 108 -12.10 -11.10 30.56
C THR A 108 -13.28 -12.03 30.76
N LEU A 109 -13.92 -12.46 29.67
CA LEU A 109 -15.17 -13.22 29.79
C LEU A 109 -15.08 -14.51 30.61
N PRO A 110 -14.05 -15.35 30.47
CA PRO A 110 -14.04 -16.61 31.24
C PRO A 110 -14.16 -16.43 32.75
N PHE A 111 -13.57 -15.37 33.29
CA PHE A 111 -13.71 -15.11 34.73
C PHE A 111 -15.16 -14.88 35.11
N TRP A 112 -15.89 -14.10 34.31
CA TRP A 112 -17.30 -13.88 34.59
C TRP A 112 -18.13 -15.14 34.37
N ALA A 113 -17.74 -15.98 33.41
CA ALA A 113 -18.42 -17.26 33.24
C ALA A 113 -18.24 -18.13 34.48
N VAL A 114 -17.02 -18.17 35.02
CA VAL A 114 -16.76 -18.92 36.24
C VAL A 114 -17.56 -18.36 37.41
N ASP A 115 -17.62 -17.03 37.51
CA ASP A 115 -18.42 -16.40 38.56
C ASP A 115 -19.89 -16.77 38.44
N ALA A 116 -20.43 -16.77 37.21
CA ALA A 116 -21.85 -17.01 37.01
C ALA A 116 -22.22 -18.48 37.19
N VAL A 117 -21.32 -19.39 36.85
CA VAL A 117 -21.67 -20.82 36.84
C VAL A 117 -21.81 -21.35 38.27
N ALA A 118 -20.73 -21.30 39.07
CA ALA A 118 -20.81 -21.76 40.45
C ALA A 118 -20.49 -20.67 41.45
N ASN A 119 -19.30 -20.09 41.43
CA ASN A 119 -18.86 -19.15 42.46
C ASN A 119 -17.53 -18.55 42.05
N TRP A 120 -16.94 -17.78 42.97
CA TRP A 120 -15.62 -17.18 42.81
C TRP A 120 -14.56 -18.02 43.51
N TYR A 121 -13.38 -18.09 42.89
CA TYR A 121 -12.26 -18.85 43.44
C TYR A 121 -10.92 -18.12 43.37
N PHE A 122 -10.80 -17.02 42.64
CA PHE A 122 -9.52 -16.55 42.16
C PHE A 122 -8.84 -15.53 43.08
N GLY A 123 -9.47 -15.13 44.16
CA GLY A 123 -8.83 -14.30 45.16
C GLY A 123 -8.99 -12.81 44.92
N ASN A 124 -8.59 -12.05 45.94
CA ASN A 124 -8.80 -10.60 45.93
C ASN A 124 -8.00 -9.91 44.84
N PHE A 125 -6.73 -10.29 44.66
CA PHE A 125 -5.88 -9.61 43.69
C PHE A 125 -6.40 -9.80 42.27
N LEU A 126 -6.74 -11.04 41.90
CA LEU A 126 -7.26 -11.30 40.56
C LEU A 126 -8.64 -10.67 40.40
N CYS A 127 -9.45 -10.68 41.46
CA CYS A 127 -10.76 -10.03 41.41
C CYS A 127 -10.61 -8.55 41.06
N LYS A 128 -9.71 -7.85 41.76
CA LYS A 128 -9.48 -6.44 41.49
C LYS A 128 -8.90 -6.22 40.10
N ALA A 129 -7.97 -7.08 39.67
CA ALA A 129 -7.37 -6.91 38.35
C ALA A 129 -8.41 -7.07 37.24
N VAL A 130 -9.29 -8.07 37.35
CA VAL A 130 -10.34 -8.26 36.37
C VAL A 130 -11.28 -7.07 36.36
N HIS A 131 -11.65 -6.58 37.55
CA HIS A 131 -12.51 -5.41 37.61
C HIS A 131 -11.87 -4.21 36.91
N VAL A 132 -10.57 -4.01 37.12
CA VAL A 132 -9.88 -2.88 36.51
C VAL A 132 -9.85 -3.04 34.99
N ILE A 133 -9.56 -4.24 34.50
CA ILE A 133 -9.43 -4.44 33.05
C ILE A 133 -10.77 -4.25 32.35
N TYR A 134 -11.85 -4.73 32.96
CA TYR A 134 -13.15 -4.72 32.30
C TYR A 134 -13.58 -3.29 31.94
N THR A 135 -13.47 -2.37 32.90
CA THR A 135 -13.95 -1.00 32.69
C THR A 135 -13.15 -0.30 31.59
N VAL A 136 -11.82 -0.41 31.65
CA VAL A 136 -10.99 0.27 30.66
C VAL A 136 -11.25 -0.28 29.27
N SER A 137 -11.37 -1.60 29.13
CA SER A 137 -11.66 -2.17 27.83
C SER A 137 -13.01 -1.69 27.30
N LEU A 138 -14.03 -1.71 28.16
CA LEU A 138 -15.38 -1.35 27.73
C LEU A 138 -15.44 0.10 27.27
N TYR A 139 -14.78 1.01 27.99
CA TYR A 139 -14.86 2.41 27.61
C TYR A 139 -13.97 2.74 26.41
N SER A 140 -12.82 2.09 26.30
CA SER A 140 -11.95 2.32 25.15
C SER A 140 -12.63 1.85 23.87
N SER A 141 -13.35 0.73 23.93
CA SER A 141 -13.97 0.18 22.73
C SER A 141 -15.02 1.11 22.13
N VAL A 142 -15.48 2.11 22.88
CA VAL A 142 -16.47 3.06 22.39
C VAL A 142 -15.85 4.41 22.08
N LEU A 143 -14.91 4.87 22.91
CA LEU A 143 -14.22 6.11 22.58
C LEU A 143 -13.43 5.98 21.28
N ILE A 144 -12.92 4.79 20.97
CA ILE A 144 -12.25 4.58 19.69
C ILE A 144 -13.22 4.76 18.54
N LEU A 145 -14.44 4.25 18.69
CA LEU A 145 -15.45 4.44 17.65
C LEU A 145 -15.77 5.92 17.45
N ALA A 146 -15.88 6.67 18.55
CA ALA A 146 -16.14 8.10 18.43
C ALA A 146 -15.01 8.81 17.69
N PHE A 147 -13.76 8.48 18.03
CA PHE A 147 -12.63 9.11 17.36
C PHE A 147 -12.56 8.73 15.88
N ILE A 148 -12.92 7.48 15.56
CA ILE A 148 -12.94 7.05 14.16
C ILE A 148 -13.98 7.84 13.38
N SER A 149 -15.16 8.05 13.97
CA SER A 149 -16.19 8.84 13.31
C SER A 149 -15.73 10.27 13.07
N LEU A 150 -15.07 10.88 14.06
CA LEU A 150 -14.57 12.23 13.87
C LEU A 150 -13.51 12.28 12.77
N ASP A 151 -12.62 11.28 12.74
CA ASP A 151 -11.59 11.24 11.71
C ASP A 151 -12.21 11.12 10.31
N ARG A 152 -13.23 10.26 10.17
CA ARG A 152 -13.86 10.11 8.87
C ARG A 152 -14.59 11.38 8.45
N TYR A 153 -15.21 12.08 9.41
CA TYR A 153 -15.82 13.36 9.07
C TYR A 153 -14.78 14.35 8.56
N LEU A 154 -13.65 14.45 9.27
CA LEU A 154 -12.59 15.37 8.84
C LEU A 154 -12.04 14.98 7.47
N ALA A 155 -11.99 13.68 7.18
CA ALA A 155 -11.43 13.25 5.89
C ALA A 155 -12.40 13.50 4.74
N ILE A 156 -13.71 13.35 4.99
CA ILE A 156 -14.67 13.48 3.90
C ILE A 156 -15.02 14.93 3.64
N VAL A 157 -15.32 15.70 4.70
CA VAL A 157 -15.77 17.08 4.51
C VAL A 157 -14.59 17.97 4.12
N HIS A 158 -13.58 18.04 4.99
CA HIS A 158 -12.40 18.87 4.73
C HIS A 158 -11.31 18.01 4.09
N ALA A 159 -11.59 17.56 2.88
CA ALA A 159 -10.68 16.64 2.19
C ALA A 159 -9.43 17.35 1.71
N THR A 160 -9.59 18.53 1.10
CA THR A 160 -8.44 19.22 0.51
C THR A 160 -7.59 19.92 1.57
N ASN A 161 -8.20 20.47 2.60
CA ASN A 161 -7.49 21.31 3.55
C ASN A 161 -6.96 20.51 4.75
N SER A 162 -7.82 19.75 5.41
CA SER A 162 -7.47 19.08 6.66
C SER A 162 -6.64 17.85 6.34
N GLN A 163 -5.33 17.95 6.53
CA GLN A 163 -4.45 16.80 6.41
C GLN A 163 -3.53 16.73 7.63
N ARG A 164 -3.21 17.89 8.20
CA ARG A 164 -2.40 17.95 9.42
C ARG A 164 -3.25 17.67 10.67
N PRO A 165 -4.43 18.28 10.84
CA PRO A 165 -5.27 17.89 11.99
C PRO A 165 -5.66 16.43 11.96
N ARG A 166 -5.83 15.84 10.78
CA ARG A 166 -6.15 14.42 10.68
C ARG A 166 -5.04 13.54 11.24
N LYS A 167 -3.81 14.05 11.27
CA LYS A 167 -2.69 13.35 11.90
C LYS A 167 -2.54 13.72 13.37
N LEU A 168 -2.79 14.98 13.72
CA LEU A 168 -2.70 15.39 15.11
C LEU A 168 -3.72 14.66 15.97
N LEU A 169 -4.93 14.48 15.46
CA LEU A 169 -5.96 13.76 16.21
C LEU A 169 -5.70 12.27 16.30
N ALA A 170 -4.71 11.75 15.57
CA ALA A 170 -4.40 10.33 15.60
C ALA A 170 -3.05 10.00 16.24
N GLU A 171 -2.19 10.99 16.45
CA GLU A 171 -0.89 10.77 17.07
C GLU A 171 -0.82 11.27 18.50
N LYS A 172 -1.29 12.50 18.76
CA LYS A 172 -1.17 13.10 20.08
C LYS A 172 -2.46 13.07 20.88
N VAL A 173 -3.60 13.36 20.25
CA VAL A 173 -4.85 13.51 20.99
C VAL A 173 -5.46 12.17 21.40
N VAL A 174 -5.09 11.08 20.73
CA VAL A 174 -5.69 9.77 21.04
C VAL A 174 -5.40 9.37 22.48
N TYR A 175 -4.15 9.53 22.91
CA TYR A 175 -3.79 9.14 24.27
C TYR A 175 -4.49 10.00 25.31
N VAL A 176 -4.51 11.32 25.11
CA VAL A 176 -5.25 12.24 25.96
C VAL A 176 -6.75 12.09 25.70
N GLY A 177 -7.10 11.23 24.74
CA GLY A 177 -8.46 10.99 24.32
C GLY A 177 -8.99 9.71 24.92
N VAL A 178 -8.87 8.61 24.18
CA VAL A 178 -9.50 7.34 24.56
C VAL A 178 -9.03 6.87 25.94
N TRP A 179 -7.73 6.95 26.21
CA TRP A 179 -7.16 6.13 27.28
C TRP A 179 -7.12 6.81 28.65
N ILE A 180 -6.83 8.11 28.72
CA ILE A 180 -6.69 8.78 30.01
C ILE A 180 -8.01 8.80 30.77
N PRO A 181 -9.16 9.13 30.16
CA PRO A 181 -10.42 9.00 30.91
C PRO A 181 -10.66 7.62 31.48
N ALA A 182 -10.36 6.55 30.72
CA ALA A 182 -10.57 5.20 31.24
C ALA A 182 -9.63 4.92 32.41
N LEU A 183 -8.35 5.25 32.26
CA LEU A 183 -7.37 4.99 33.32
C LEU A 183 -7.62 5.86 34.55
N LEU A 184 -8.31 6.99 34.39
CA LEU A 184 -8.64 7.85 35.52
C LEU A 184 -9.99 7.52 36.12
N LEU A 185 -10.84 6.79 35.40
CA LEU A 185 -12.17 6.46 35.88
C LEU A 185 -12.26 5.02 36.37
N THR A 186 -11.21 4.22 36.17
CA THR A 186 -11.16 2.90 36.78
C THR A 186 -10.66 2.94 38.22
N ILE A 187 -10.73 4.11 38.86
CA ILE A 187 -10.25 4.31 40.23
C ILE A 187 -11.19 3.69 41.25
N PRO A 188 -12.53 3.80 41.11
CA PRO A 188 -13.41 3.15 42.10
C PRO A 188 -13.13 1.67 42.27
N ASP A 189 -12.78 0.97 41.19
CA ASP A 189 -12.44 -0.45 41.30
C ASP A 189 -11.21 -0.65 42.17
N PHE A 190 -10.20 0.21 42.01
CA PHE A 190 -9.01 0.13 42.85
C PHE A 190 -9.35 0.40 44.31
N ILE A 191 -10.16 1.42 44.57
CA ILE A 191 -10.44 1.81 45.96
C ILE A 191 -11.17 0.71 46.70
N PHE A 192 -12.25 0.19 46.10
CA PHE A 192 -13.12 -0.75 46.81
C PHE A 192 -13.69 -1.76 45.81
N ALA A 193 -13.11 -2.95 45.80
CA ALA A 193 -13.67 -4.11 45.12
C ALA A 193 -13.13 -5.35 45.83
N ASN A 194 -13.92 -5.91 46.74
CA ASN A 194 -13.45 -6.94 47.65
C ASN A 194 -14.32 -8.19 47.54
N VAL A 195 -13.66 -9.35 47.57
CA VAL A 195 -14.38 -10.61 47.60
C VAL A 195 -14.99 -10.82 48.98
N SER A 196 -16.20 -11.39 49.02
CA SER A 196 -16.87 -11.61 50.28
C SER A 196 -17.70 -12.89 50.22
N GLU A 197 -18.01 -13.44 51.39
CA GLU A 197 -18.74 -14.69 51.49
C GLU A 197 -20.24 -14.40 51.59
N ALA A 198 -21.02 -14.99 50.69
CA ALA A 198 -22.47 -14.95 50.74
C ALA A 198 -22.96 -16.39 50.71
N ASP A 199 -23.76 -16.76 51.71
CA ASP A 199 -24.17 -18.15 51.89
C ASP A 199 -22.91 -19.00 51.96
N ASP A 200 -22.78 -19.96 51.05
CA ASP A 200 -21.59 -20.80 51.03
C ASP A 200 -20.53 -20.33 50.04
N ARG A 201 -20.89 -19.43 49.12
CA ARG A 201 -20.04 -19.12 47.98
C ARG A 201 -19.39 -17.75 48.12
N TYR A 202 -18.16 -17.64 47.64
CA TYR A 202 -17.47 -16.35 47.57
C TYR A 202 -17.93 -15.59 46.33
N ILE A 203 -17.92 -14.26 46.43
CA ILE A 203 -18.39 -13.39 45.36
C ILE A 203 -17.41 -12.22 45.19
N CYS A 204 -17.02 -11.96 43.94
CA CYS A 204 -16.29 -10.78 43.52
C CYS A 204 -17.28 -9.72 43.06
N ASP A 205 -17.73 -8.89 44.00
CA ASP A 205 -18.66 -7.81 43.67
C ASP A 205 -18.23 -6.53 44.36
N ARG A 206 -18.60 -5.41 43.75
CA ARG A 206 -18.29 -4.10 44.30
C ARG A 206 -19.31 -3.75 45.39
N PHE A 207 -18.82 -3.22 46.51
CA PHE A 207 -19.66 -2.92 47.66
C PHE A 207 -19.65 -1.42 47.92
N TYR A 208 -20.84 -0.83 48.04
CA TYR A 208 -20.99 0.62 48.14
C TYR A 208 -21.51 1.06 49.51
N PRO A 209 -20.94 2.12 50.07
CA PRO A 209 -21.38 2.70 51.35
C PRO A 209 -22.54 3.68 51.17
N ASN A 210 -23.67 3.40 51.82
CA ASN A 210 -24.88 4.25 51.94
C ASN A 210 -25.86 4.09 50.77
N ASP A 211 -25.59 3.17 49.84
CA ASP A 211 -26.50 2.80 48.74
C ASP A 211 -26.97 4.00 47.91
N LEU A 212 -26.06 4.94 47.66
CA LEU A 212 -26.27 6.06 46.77
C LEU A 212 -25.28 5.98 45.61
N TRP A 213 -24.01 5.80 45.96
CA TRP A 213 -22.91 5.58 45.04
C TRP A 213 -23.40 4.78 43.84
N VAL A 214 -24.29 3.81 44.10
CA VAL A 214 -24.82 2.96 43.03
C VAL A 214 -25.57 3.78 42.00
N VAL A 215 -26.44 4.68 42.45
CA VAL A 215 -27.25 5.43 41.48
C VAL A 215 -26.38 6.46 40.78
N VAL A 216 -25.46 7.09 41.51
CA VAL A 216 -24.64 8.11 40.86
C VAL A 216 -23.72 7.46 39.82
N PHE A 217 -23.16 6.30 40.14
CA PHE A 217 -22.32 5.60 39.19
C PHE A 217 -23.11 5.03 38.02
N GLN A 218 -24.36 4.62 38.25
CA GLN A 218 -25.17 4.16 37.12
C GLN A 218 -25.47 5.31 36.17
N PHE A 219 -25.77 6.50 36.71
CA PHE A 219 -25.94 7.67 35.84
C PHE A 219 -24.64 8.00 35.11
N GLN A 220 -23.50 7.87 35.80
CA GLN A 220 -22.21 8.07 35.14
C GLN A 220 -22.01 7.09 33.98
N HIS A 221 -22.33 5.81 34.21
CA HIS A 221 -22.21 4.81 33.16
C HIS A 221 -23.10 5.15 31.97
N ILE A 222 -24.34 5.54 32.25
CA ILE A 222 -25.27 5.88 31.18
C ILE A 222 -24.75 7.06 30.38
N MET A 223 -24.26 8.10 31.08
CA MET A 223 -23.82 9.30 30.39
C MET A 223 -22.57 9.04 29.55
N VAL A 224 -21.57 8.36 30.11
CA VAL A 224 -20.34 8.12 29.38
C VAL A 224 -20.57 7.15 28.22
N GLY A 225 -21.43 6.14 28.43
CA GLY A 225 -21.58 5.11 27.42
C GLY A 225 -22.23 5.60 26.15
N LEU A 226 -23.28 6.42 26.25
CA LEU A 226 -24.15 6.71 25.13
C LEU A 226 -24.25 8.18 24.74
N ILE A 227 -23.78 9.10 25.58
CA ILE A 227 -24.04 10.51 25.36
C ILE A 227 -22.76 11.28 24.97
N LEU A 228 -21.59 10.83 25.39
CA LEU A 228 -20.37 11.49 25.00
C LEU A 228 -19.94 11.06 23.59
N PRO A 229 -19.89 9.75 23.28
CA PRO A 229 -19.53 9.34 21.91
C PRO A 229 -20.72 9.30 20.97
N GLY A 230 -21.92 9.05 21.53
CA GLY A 230 -23.09 8.87 20.70
C GLY A 230 -23.44 10.11 19.90
N ILE A 231 -23.41 11.27 20.55
CA ILE A 231 -23.75 12.52 19.88
C ILE A 231 -22.78 12.79 18.74
N VAL A 232 -21.49 12.63 19.01
CA VAL A 232 -20.48 12.89 18.00
C VAL A 232 -20.65 11.94 16.81
N ILE A 233 -20.82 10.65 17.10
CA ILE A 233 -20.98 9.67 16.02
C ILE A 233 -22.20 10.00 15.17
N LEU A 234 -23.34 10.25 15.84
CA LEU A 234 -24.58 10.52 15.13
C LEU A 234 -24.45 11.76 14.26
N SER A 235 -23.93 12.86 14.81
CA SER A 235 -23.85 14.10 14.07
C SER A 235 -22.91 13.96 12.87
N CYS A 236 -21.71 13.42 13.09
CA CYS A 236 -20.74 13.31 12.01
C CYS A 236 -21.26 12.40 10.90
N TYR A 237 -21.82 11.24 11.25
CA TYR A 237 -22.28 10.34 10.21
C TYR A 237 -23.53 10.86 9.51
N CYS A 238 -24.41 11.56 10.21
CA CYS A 238 -25.57 12.14 9.56
C CYS A 238 -25.16 13.22 8.56
N ILE A 239 -24.21 14.08 8.92
CA ILE A 239 -23.80 15.11 7.96
C ILE A 239 -23.01 14.49 6.80
N ILE A 240 -22.26 13.42 7.05
CA ILE A 240 -21.60 12.71 5.95
C ILE A 240 -22.63 12.13 4.99
N ILE A 241 -23.69 11.52 5.52
CA ILE A 241 -24.77 11.02 4.67
C ILE A 241 -25.42 12.17 3.91
N SER A 242 -25.59 13.32 4.57
CA SER A 242 -26.19 14.47 3.91
C SER A 242 -25.35 14.95 2.74
N LYS A 243 -24.03 14.90 2.88
CA LYS A 243 -23.15 15.37 1.82
C LYS A 243 -22.88 14.32 0.74
N LEU A 244 -23.41 13.10 0.89
CA LEU A 244 -23.18 12.03 -0.08
C LEU A 244 -24.48 11.43 -0.60
N SER A 245 -25.59 12.17 -0.53
CA SER A 245 -26.90 11.64 -0.88
C SER A 245 -27.25 11.86 -2.35
N HIS A 246 -27.06 13.08 -2.86
CA HIS A 246 -27.50 13.41 -4.21
C HIS A 246 -26.58 12.85 -5.29
N SER A 247 -25.37 12.44 -4.93
CA SER A 247 -24.41 11.98 -5.93
C SER A 247 -24.86 10.67 -6.56
N LYS A 248 -24.50 10.49 -7.83
CA LYS A 248 -24.87 9.31 -8.59
C LYS A 248 -23.70 8.34 -8.79
N GLY A 249 -22.61 8.52 -8.06
CA GLY A 249 -21.48 7.61 -8.19
C GLY A 249 -21.76 6.26 -7.55
N HIS A 250 -20.96 5.28 -7.98
CA HIS A 250 -21.06 3.93 -7.41
C HIS A 250 -20.40 3.85 -6.05
N GLN A 251 -19.16 4.34 -5.95
CA GLN A 251 -18.44 4.33 -4.70
C GLN A 251 -19.15 5.18 -3.64
N LYS A 252 -19.70 6.32 -4.07
CA LYS A 252 -20.42 7.18 -3.13
C LYS A 252 -21.66 6.47 -2.60
N ARG A 253 -22.38 5.75 -3.47
CA ARG A 253 -23.56 5.01 -3.02
C ARG A 253 -23.18 3.91 -2.04
N LYS A 254 -22.09 3.19 -2.32
CA LYS A 254 -21.64 2.14 -1.40
C LYS A 254 -21.24 2.72 -0.05
N ALA A 255 -20.55 3.86 -0.06
CA ALA A 255 -20.18 4.51 1.19
C ALA A 255 -21.40 4.98 1.97
N LEU A 256 -22.42 5.47 1.26
CA LEU A 256 -23.67 5.85 1.93
C LEU A 256 -24.33 4.64 2.56
N LYS A 257 -24.32 3.49 1.87
CA LYS A 257 -24.94 2.32 2.47
C LYS A 257 -24.15 1.87 3.69
N THR A 258 -22.82 2.01 3.64
CA THR A 258 -21.99 1.53 4.74
C THR A 258 -22.23 2.36 5.98
N THR A 259 -22.32 3.69 5.84
CA THR A 259 -22.47 4.53 7.02
C THR A 259 -23.79 4.22 7.72
N VAL A 260 -24.85 4.00 6.94
CA VAL A 260 -26.15 3.65 7.50
C VAL A 260 -26.06 2.32 8.25
N ILE A 261 -25.36 1.34 7.66
CA ILE A 261 -25.18 0.06 8.34
C ILE A 261 -24.45 0.24 9.67
N LEU A 262 -23.40 1.06 9.67
CA LEU A 262 -22.63 1.29 10.90
C LEU A 262 -23.51 1.92 11.98
N ILE A 263 -24.26 2.96 11.63
CA ILE A 263 -25.11 3.64 12.60
C ILE A 263 -26.15 2.68 13.17
N LEU A 264 -26.81 1.94 12.29
CA LEU A 264 -27.84 1.01 12.75
C LEU A 264 -27.26 -0.04 13.67
N ALA A 265 -26.10 -0.60 13.31
CA ALA A 265 -25.48 -1.62 14.14
C ALA A 265 -25.12 -1.08 15.52
N PHE A 266 -24.45 0.08 15.56
CA PHE A 266 -24.02 0.62 16.85
C PHE A 266 -25.20 0.93 17.74
N PHE A 267 -26.22 1.59 17.21
CA PHE A 267 -27.34 2.00 18.06
C PHE A 267 -28.18 0.80 18.48
N ALA A 268 -28.41 -0.16 17.57
CA ALA A 268 -29.14 -1.36 17.96
C ALA A 268 -28.38 -2.17 18.99
N CYS A 269 -27.04 -2.10 18.98
CA CYS A 269 -26.27 -2.80 19.99
C CYS A 269 -26.38 -2.12 21.35
N TRP A 270 -26.24 -0.79 21.41
CA TRP A 270 -26.03 -0.11 22.67
C TRP A 270 -27.22 0.67 23.22
N LEU A 271 -28.36 0.69 22.54
CA LEU A 271 -29.47 1.46 23.10
C LEU A 271 -30.27 0.71 24.18
N PRO A 272 -30.77 -0.51 23.92
CA PRO A 272 -31.64 -1.16 24.90
C PRO A 272 -30.97 -1.45 26.23
N TYR A 273 -29.67 -1.75 26.23
CA TYR A 273 -28.97 -2.02 27.49
C TYR A 273 -29.00 -0.80 28.40
N TYR A 274 -28.73 0.38 27.85
CA TYR A 274 -28.76 1.59 28.65
C TYR A 274 -30.18 2.00 29.00
N ILE A 275 -31.16 1.68 28.16
CA ILE A 275 -32.56 1.89 28.55
C ILE A 275 -32.89 1.05 29.78
N GLY A 276 -32.48 -0.22 29.77
CA GLY A 276 -32.72 -1.07 30.92
C GLY A 276 -32.00 -0.59 32.17
N ILE A 277 -30.77 -0.11 32.00
CA ILE A 277 -30.03 0.44 33.14
C ILE A 277 -30.76 1.65 33.71
N SER A 278 -31.28 2.52 32.84
CA SER A 278 -32.02 3.68 33.30
C SER A 278 -33.28 3.27 34.06
N ILE A 279 -34.00 2.27 33.55
CA ILE A 279 -35.20 1.79 34.24
C ILE A 279 -34.84 1.23 35.62
N ASP A 280 -33.75 0.46 35.69
CA ASP A 280 -33.32 -0.10 36.97
C ASP A 280 -32.92 1.01 37.94
N SER A 281 -32.23 2.03 37.46
CA SER A 281 -31.85 3.15 38.32
C SER A 281 -33.08 3.89 38.84
N PHE A 282 -34.07 4.09 37.96
CA PHE A 282 -35.29 4.78 38.38
C PHE A 282 -36.05 3.97 39.43
N ILE A 283 -36.17 2.66 39.22
CA ILE A 283 -36.91 1.85 40.19
C ILE A 283 -36.14 1.74 41.50
N LEU A 284 -34.80 1.76 41.43
CA LEU A 284 -34.00 1.76 42.66
C LEU A 284 -34.16 3.07 43.41
N LEU A 285 -34.25 4.18 42.68
CA LEU A 285 -34.38 5.50 43.27
C LEU A 285 -35.80 5.78 43.75
N GLU A 286 -36.63 4.74 43.87
CA GLU A 286 -38.01 4.77 44.36
C GLU A 286 -38.85 5.84 43.67
N ILE A 287 -38.44 6.31 42.49
CA ILE A 287 -39.29 7.17 41.70
C ILE A 287 -40.51 6.40 41.21
N ILE A 288 -40.30 5.17 40.75
CA ILE A 288 -41.38 4.29 40.32
C ILE A 288 -41.65 3.30 41.44
N LYS A 289 -42.88 3.30 41.94
CA LYS A 289 -43.27 2.43 43.06
C LYS A 289 -44.15 1.30 42.50
N GLN A 290 -43.59 0.11 42.43
CA GLN A 290 -44.29 -1.06 41.92
C GLN A 290 -43.81 -2.29 42.66
N GLY A 291 -44.50 -3.40 42.44
CA GLY A 291 -44.10 -4.66 43.04
C GLY A 291 -42.79 -5.16 42.49
N CYS A 292 -42.19 -6.11 43.22
CA CYS A 292 -40.87 -6.60 42.84
C CYS A 292 -40.91 -7.58 41.68
N GLU A 293 -42.10 -7.98 41.22
CA GLU A 293 -42.19 -8.69 39.95
C GLU A 293 -41.74 -7.79 38.81
N PHE A 294 -41.99 -6.49 38.91
CA PHE A 294 -41.43 -5.55 37.95
C PHE A 294 -39.90 -5.51 38.05
N GLU A 295 -39.37 -5.63 39.27
CA GLU A 295 -37.93 -5.72 39.44
C GLU A 295 -37.37 -6.96 38.75
N ASN A 296 -38.07 -8.09 38.90
CA ASN A 296 -37.65 -9.32 38.23
C ASN A 296 -37.68 -9.15 36.72
N THR A 297 -38.75 -8.53 36.20
CA THR A 297 -38.84 -8.31 34.75
C THR A 297 -37.71 -7.42 34.25
N VAL A 298 -37.41 -6.35 34.99
CA VAL A 298 -36.34 -5.43 34.59
C VAL A 298 -34.99 -6.15 34.65
N HIS A 299 -34.77 -6.98 35.66
CA HIS A 299 -33.51 -7.72 35.75
C HIS A 299 -33.37 -8.69 34.59
N LYS A 300 -34.46 -9.38 34.23
CA LYS A 300 -34.45 -10.27 33.07
C LYS A 300 -34.12 -9.49 31.80
N TRP A 301 -34.75 -8.33 31.62
CA TRP A 301 -34.48 -7.48 30.47
C TRP A 301 -33.01 -7.10 30.41
N ILE A 302 -32.46 -6.66 31.55
CA ILE A 302 -31.07 -6.22 31.60
C ILE A 302 -30.14 -7.37 31.23
N SER A 303 -30.39 -8.55 31.82
CA SER A 303 -29.52 -9.70 31.56
C SER A 303 -29.52 -10.08 30.08
N ILE A 304 -30.72 -10.26 29.51
CA ILE A 304 -30.81 -10.67 28.11
C ILE A 304 -30.19 -9.62 27.21
N THR A 305 -30.48 -8.34 27.47
CA THR A 305 -30.01 -7.30 26.57
C THR A 305 -28.50 -7.11 26.66
N GLU A 306 -27.91 -7.23 27.85
CA GLU A 306 -26.46 -7.11 27.94
C GLU A 306 -25.77 -8.33 27.34
N ALA A 307 -26.37 -9.52 27.46
CA ALA A 307 -25.83 -10.68 26.76
C ALA A 307 -25.85 -10.46 25.25
N LEU A 308 -26.91 -9.85 24.73
CA LEU A 308 -26.95 -9.49 23.32
C LEU A 308 -25.90 -8.43 22.98
N ALA A 309 -25.74 -7.43 23.84
CA ALA A 309 -24.90 -6.28 23.53
C ALA A 309 -23.41 -6.58 23.68
N PHE A 310 -23.05 -7.66 24.36
CA PHE A 310 -21.63 -8.03 24.42
C PHE A 310 -21.08 -8.50 23.06
N PHE A 311 -21.86 -8.40 21.99
CA PHE A 311 -21.42 -8.77 20.64
C PHE A 311 -20.69 -7.63 19.94
N HIS A 312 -20.42 -6.52 20.63
CA HIS A 312 -19.69 -5.43 19.99
C HIS A 312 -18.27 -5.84 19.64
N CYS A 313 -17.62 -6.60 20.53
CA CYS A 313 -16.28 -7.11 20.22
C CYS A 313 -16.32 -8.10 19.06
N CYS A 314 -17.44 -8.80 18.90
CA CYS A 314 -17.60 -9.71 17.77
C CYS A 314 -17.77 -8.94 16.47
N LEU A 315 -18.59 -7.90 16.48
CA LEU A 315 -18.98 -7.20 15.25
C LEU A 315 -17.99 -6.15 14.81
N ASN A 316 -17.15 -5.61 15.71
CA ASN A 316 -16.22 -4.56 15.32
C ASN A 316 -15.22 -5.01 14.25
N PRO A 317 -14.55 -6.17 14.37
CA PRO A 317 -13.65 -6.59 13.29
C PRO A 317 -14.35 -6.79 11.96
N ILE A 318 -15.60 -7.25 11.97
CA ILE A 318 -16.33 -7.44 10.72
C ILE A 318 -16.68 -6.09 10.10
N LEU A 319 -17.14 -5.14 10.92
CA LEU A 319 -17.61 -3.87 10.38
C LEU A 319 -16.46 -2.97 9.94
N TYR A 320 -15.39 -2.90 10.73
CA TYR A 320 -14.35 -1.91 10.50
C TYR A 320 -13.13 -2.44 9.75
N ALA A 321 -12.99 -3.76 9.60
CA ALA A 321 -11.83 -4.32 8.93
C ALA A 321 -12.18 -5.13 7.70
N PHE A 322 -13.13 -6.06 7.80
CA PHE A 322 -13.35 -7.05 6.76
C PHE A 322 -14.32 -6.58 5.68
N LEU A 323 -14.77 -5.32 5.73
CA LEU A 323 -15.63 -4.77 4.69
C LEU A 323 -14.92 -3.73 3.83
N GLY A 324 -13.60 -3.65 3.92
CA GLY A 324 -12.82 -2.69 3.15
C GLY A 324 -11.98 -3.39 2.09
N ALA A 325 -11.89 -2.77 0.91
CA ALA A 325 -11.11 -3.35 -0.17
C ALA A 325 -9.61 -3.33 0.16
N LYS A 326 -9.13 -2.23 0.73
CA LYS A 326 -7.72 -2.12 1.06
C LYS A 326 -7.31 -3.18 2.07
N PHE A 327 -8.11 -3.37 3.12
CA PHE A 327 -7.78 -4.37 4.12
C PHE A 327 -7.89 -5.78 3.54
N LYS A 328 -8.87 -6.01 2.66
CA LYS A 328 -8.97 -7.31 2.01
C LYS A 328 -7.72 -7.62 1.19
N THR A 329 -7.24 -6.64 0.42
CA THR A 329 -6.03 -6.83 -0.36
C THR A 329 -4.82 -7.06 0.54
N SER A 330 -4.72 -6.31 1.64
CA SER A 330 -3.60 -6.49 2.56
C SER A 330 -3.63 -7.88 3.19
N ALA A 331 -4.81 -8.34 3.58
CA ALA A 331 -4.93 -9.69 4.15
C ALA A 331 -4.59 -10.76 3.13
N GLN A 332 -5.03 -10.58 1.88
CA GLN A 332 -4.70 -11.54 0.84
C GLN A 332 -3.19 -11.60 0.62
N HIS A 333 -2.53 -10.44 0.60
CA HIS A 333 -1.09 -10.43 0.45
C HIS A 333 -0.39 -11.08 1.65
N ALA A 334 -0.87 -10.81 2.86
CA ALA A 334 -0.27 -11.38 4.06
C ALA A 334 -0.51 -12.89 4.16
N LEU A 335 -1.55 -13.41 3.51
CA LEU A 335 -1.81 -14.83 3.55
C LEU A 335 -0.68 -15.62 2.88
N THR A 336 -0.16 -15.11 1.76
CA THR A 336 0.92 -15.78 1.04
C THR A 336 2.21 -14.96 1.13
N SER B 17 33.88 3.53 20.18
CA SER B 17 33.12 3.29 18.95
C SER B 17 32.26 4.50 18.59
N ALA B 18 32.89 5.68 18.51
CA ALA B 18 32.17 6.89 18.15
C ALA B 18 31.69 6.86 16.70
N GLU B 19 32.40 6.13 15.83
CA GLU B 19 32.02 6.07 14.43
C GLU B 19 30.65 5.43 14.26
N ASP B 20 30.39 4.35 15.00
CA ASP B 20 29.08 3.70 14.92
C ASP B 20 27.96 4.62 15.40
N LYS B 21 28.20 5.34 16.50
CA LYS B 21 27.20 6.27 17.00
C LYS B 21 26.94 7.38 15.99
N ALA B 22 27.99 7.91 15.37
CA ALA B 22 27.81 8.94 14.35
C ALA B 22 27.05 8.40 13.14
N ALA B 23 27.35 7.17 12.73
CA ALA B 23 26.63 6.58 11.61
C ALA B 23 25.14 6.40 11.92
N VAL B 24 24.83 5.94 13.13
CA VAL B 24 23.43 5.76 13.51
C VAL B 24 22.71 7.10 13.57
N GLU B 25 23.38 8.13 14.12
CA GLU B 25 22.77 9.45 14.18
C GLU B 25 22.52 10.01 12.78
N ARG B 26 23.49 9.83 11.87
CA ARG B 26 23.30 10.29 10.50
C ARG B 26 22.16 9.56 9.81
N SER B 27 22.07 8.24 10.03
CA SER B 27 20.96 7.48 9.45
C SER B 27 19.62 7.97 9.97
N LYS B 28 19.53 8.22 11.28
CA LYS B 28 18.28 8.72 11.84
C LYS B 28 17.92 10.10 11.28
N MET B 29 18.92 10.97 11.15
CA MET B 29 18.68 12.31 10.62
C MET B 29 18.17 12.24 9.18
N ILE B 30 18.86 11.49 8.32
CA ILE B 30 18.47 11.42 6.92
C ILE B 30 17.33 10.45 6.68
N ASP B 31 16.82 9.79 7.72
CA ASP B 31 15.54 9.11 7.63
C ASP B 31 14.38 10.03 8.00
N ARG B 32 14.58 10.84 9.05
CA ARG B 32 13.56 11.81 9.41
C ARG B 32 13.36 12.83 8.30
N ASN B 33 14.46 13.27 7.67
CA ASN B 33 14.35 14.23 6.58
C ASN B 33 13.56 13.64 5.40
N LEU B 34 13.82 12.38 5.05
CA LEU B 34 13.08 11.75 3.97
C LEU B 34 11.61 11.58 4.33
N ARG B 35 11.31 11.22 5.58
CA ARG B 35 9.92 11.09 5.99
C ARG B 35 9.20 12.43 5.90
N GLU B 36 9.84 13.51 6.33
CA GLU B 36 9.23 14.83 6.25
C GLU B 36 9.01 15.25 4.80
N ASP B 37 10.00 14.98 3.94
CA ASP B 37 9.85 15.33 2.52
C ASP B 37 8.71 14.55 1.89
N GLY B 38 8.58 13.26 2.21
CA GLY B 38 7.48 12.48 1.68
C GLY B 38 6.13 12.98 2.18
N GLU B 39 6.05 13.33 3.46
CA GLU B 39 4.80 13.88 4.00
C GLU B 39 4.43 15.17 3.30
N LYS B 40 5.42 16.04 3.04
CA LYS B 40 5.15 17.29 2.32
C LYS B 40 4.70 17.01 0.89
N ALA B 41 5.36 16.06 0.22
CA ALA B 41 5.06 15.81 -1.19
C ALA B 41 3.72 15.12 -1.37
N ALA B 42 3.24 14.38 -0.38
CA ALA B 42 1.96 13.70 -0.49
C ALA B 42 0.78 14.65 -0.44
N ARG B 43 0.99 15.92 -0.11
CA ARG B 43 -0.08 16.88 0.09
C ARG B 43 -0.44 17.67 -1.17
N GLU B 44 0.31 17.51 -2.25
CA GLU B 44 0.11 18.27 -3.47
C GLU B 44 -0.63 17.44 -4.52
N VAL B 45 -1.04 18.12 -5.60
CA VAL B 45 -1.77 17.49 -6.68
C VAL B 45 -0.90 17.46 -7.93
N LYS B 46 -0.91 16.32 -8.62
CA LYS B 46 -0.18 16.13 -9.87
C LYS B 46 -1.15 15.80 -10.99
N LEU B 47 -0.92 16.40 -12.16
CA LEU B 47 -1.78 16.21 -13.31
C LEU B 47 -0.93 15.95 -14.54
N LEU B 48 -1.45 15.12 -15.45
CA LEU B 48 -0.79 14.86 -16.72
C LEU B 48 -1.58 15.54 -17.82
N LEU B 49 -0.88 15.99 -18.87
CA LEU B 49 -1.52 16.65 -20.00
C LEU B 49 -1.39 15.80 -21.25
N LEU B 50 -2.45 15.75 -22.06
CA LEU B 50 -2.43 14.99 -23.29
C LEU B 50 -3.28 15.68 -24.36
N GLY B 51 -2.90 15.46 -25.61
CA GLY B 51 -3.61 16.00 -26.75
C GLY B 51 -3.14 15.36 -28.05
N ALA B 52 -4.03 15.22 -29.02
CA ALA B 52 -3.71 14.51 -30.26
C ALA B 52 -3.29 15.45 -31.39
N GLY B 53 -4.14 16.39 -31.76
CA GLY B 53 -3.91 17.21 -32.93
C GLY B 53 -2.76 18.19 -32.80
N GLU B 54 -2.94 19.21 -31.94
CA GLU B 54 -1.92 20.22 -31.71
C GLU B 54 -1.21 20.01 -30.37
N SER B 55 -1.07 18.76 -29.93
CA SER B 55 -0.35 18.36 -28.73
C SER B 55 -1.09 18.79 -27.45
N GLY B 56 -2.19 19.53 -27.61
CA GLY B 56 -3.03 19.88 -26.47
C GLY B 56 -2.31 20.65 -25.38
N LYS B 57 -1.42 21.57 -25.75
CA LYS B 57 -0.68 22.37 -24.77
C LYS B 57 -0.80 23.87 -25.02
N CYS B 58 -1.67 24.28 -25.94
CA CYS B 58 -1.73 25.69 -26.31
C CYS B 58 -2.47 26.52 -25.25
N THR B 59 -3.75 26.20 -25.03
CA THR B 59 -4.59 27.06 -24.19
C THR B 59 -4.17 26.99 -22.72
N ILE B 60 -3.97 25.78 -22.20
CA ILE B 60 -3.84 25.61 -20.76
C ILE B 60 -2.57 26.25 -20.22
N VAL B 61 -1.48 26.19 -21.00
CA VAL B 61 -0.20 26.71 -20.52
C VAL B 61 -0.29 28.20 -20.25
N LYS B 62 -0.88 28.95 -21.18
CA LYS B 62 -1.03 30.39 -20.97
C LYS B 62 -2.17 30.71 -20.00
N GLN B 63 -3.23 29.90 -20.00
CA GLN B 63 -4.34 30.15 -19.08
C GLN B 63 -3.95 29.82 -17.64
N MET B 64 -3.13 28.78 -17.46
CA MET B 64 -2.73 28.31 -16.13
C MET B 64 -3.94 28.00 -15.27
N THR B 193 13.59 20.16 -21.36
CA THR B 193 14.31 19.48 -22.43
C THR B 193 13.43 18.42 -23.08
N GLY B 194 13.07 17.39 -22.32
CA GLY B 194 12.24 16.33 -22.82
C GLY B 194 10.84 16.33 -22.22
N ILE B 195 10.73 16.85 -21.00
CA ILE B 195 9.45 16.95 -20.30
C ILE B 195 9.28 18.39 -19.85
N VAL B 196 8.02 18.80 -19.70
CA VAL B 196 7.69 20.15 -19.25
C VAL B 196 6.92 20.05 -17.95
N GLU B 197 7.39 20.78 -16.93
CA GLU B 197 6.76 20.76 -15.61
C GLU B 197 6.33 22.18 -15.25
N THR B 198 5.05 22.33 -14.89
CA THR B 198 4.50 23.65 -14.59
C THR B 198 3.81 23.62 -13.24
N HIS B 199 4.14 24.58 -12.38
CA HIS B 199 3.55 24.70 -11.05
C HIS B 199 2.59 25.88 -11.02
N PHE B 200 1.45 25.70 -10.35
CA PHE B 200 0.59 26.85 -10.07
C PHE B 200 -0.28 26.54 -8.86
N THR B 201 -0.67 27.59 -8.16
CA THR B 201 -1.50 27.48 -6.97
C THR B 201 -2.82 28.21 -7.16
N PHE B 202 -3.87 27.70 -6.53
CA PHE B 202 -5.19 28.31 -6.61
C PHE B 202 -5.97 27.93 -5.36
N LYS B 203 -6.33 28.93 -4.56
CA LYS B 203 -7.08 28.74 -3.31
C LYS B 203 -6.37 27.74 -2.39
N ASP B 204 -5.07 27.96 -2.20
CA ASP B 204 -4.24 27.16 -1.29
C ASP B 204 -4.25 25.68 -1.69
N LEU B 205 -3.77 25.42 -2.90
CA LEU B 205 -3.62 24.06 -3.40
C LEU B 205 -2.59 24.08 -4.52
N HIS B 206 -1.57 23.24 -4.42
CA HIS B 206 -0.43 23.28 -5.33
C HIS B 206 -0.62 22.22 -6.41
N PHE B 207 -0.70 22.66 -7.66
CA PHE B 207 -0.86 21.78 -8.80
C PHE B 207 0.42 21.77 -9.63
N LYS B 208 0.94 20.57 -9.90
CA LYS B 208 1.97 20.36 -10.89
C LYS B 208 1.36 19.74 -12.12
N MET B 209 1.81 20.17 -13.29
CA MET B 209 1.28 19.73 -14.57
C MET B 209 2.45 19.24 -15.41
N PHE B 210 2.33 18.02 -15.92
CA PHE B 210 3.39 17.39 -16.71
C PHE B 210 2.95 17.32 -18.17
N ASP B 211 3.70 17.97 -19.04
CA ASP B 211 3.50 17.97 -20.48
C ASP B 211 4.57 17.11 -21.13
N VAL B 212 4.14 16.10 -21.89
CA VAL B 212 5.04 15.08 -22.42
C VAL B 212 4.94 15.00 -23.93
N THR B 213 4.63 16.13 -24.59
CA THR B 213 4.55 16.14 -26.04
C THR B 213 5.91 16.25 -26.73
N ALA B 214 6.97 16.49 -25.97
CA ALA B 214 8.32 16.52 -26.52
C ALA B 214 8.96 15.14 -26.58
N GLN B 215 8.27 14.11 -26.12
CA GLN B 215 8.77 12.74 -26.15
C GLN B 215 8.15 12.05 -27.35
N ARG B 216 8.95 11.78 -28.37
CA ARG B 216 8.49 11.15 -29.60
C ARG B 216 8.80 9.67 -29.66
N SER B 217 9.21 9.06 -28.55
CA SER B 217 9.44 7.64 -28.50
C SER B 217 8.12 6.89 -28.39
N GLU B 218 8.20 5.57 -28.25
CA GLU B 218 6.99 4.76 -28.14
C GLU B 218 6.31 5.02 -26.80
N ARG B 219 4.99 5.18 -26.84
CA ARG B 219 4.24 5.52 -25.63
C ARG B 219 4.25 4.38 -24.63
N LYS B 220 4.30 3.13 -25.09
CA LYS B 220 4.25 1.99 -24.18
C LYS B 220 5.44 1.95 -23.23
N LYS B 221 6.59 2.47 -23.65
CA LYS B 221 7.83 2.25 -22.93
C LYS B 221 8.07 3.24 -21.79
N TRP B 222 7.28 4.30 -21.67
CA TRP B 222 7.47 5.23 -20.57
C TRP B 222 6.18 5.69 -19.90
N ILE B 223 5.02 5.15 -20.28
CA ILE B 223 3.77 5.61 -19.68
C ILE B 223 3.57 5.04 -18.28
N HIS B 224 4.28 3.97 -17.93
CA HIS B 224 4.11 3.39 -16.60
C HIS B 224 4.79 4.23 -15.54
N CYS B 225 5.67 5.14 -15.94
CA CYS B 225 6.26 6.05 -14.97
C CYS B 225 5.22 7.02 -14.44
N PHE B 226 4.11 7.20 -15.16
CA PHE B 226 3.09 8.14 -14.75
C PHE B 226 1.92 7.49 -14.02
N GLU B 227 2.03 6.21 -13.67
CA GLU B 227 0.99 5.55 -12.89
C GLU B 227 0.90 6.17 -11.50
N GLY B 228 -0.31 6.50 -11.07
CA GLY B 228 -0.51 7.13 -9.78
C GLY B 228 -0.78 8.62 -9.82
N VAL B 229 -0.87 9.23 -11.00
CA VAL B 229 -1.21 10.65 -11.07
C VAL B 229 -2.67 10.85 -10.68
N THR B 230 -2.99 12.07 -10.28
CA THR B 230 -4.35 12.37 -9.81
C THR B 230 -5.33 12.38 -10.98
N ALA B 231 -4.98 13.02 -12.09
CA ALA B 231 -5.90 13.11 -13.21
C ALA B 231 -5.13 13.38 -14.50
N ILE B 232 -5.80 13.07 -15.60
CA ILE B 232 -5.27 13.28 -16.95
C ILE B 232 -6.17 14.29 -17.66
N ILE B 233 -5.59 15.39 -18.14
CA ILE B 233 -6.31 16.44 -18.82
C ILE B 233 -6.13 16.23 -20.32
N PHE B 234 -7.20 15.89 -21.01
CA PHE B 234 -7.17 15.56 -22.43
C PHE B 234 -7.80 16.71 -23.21
N CYS B 235 -7.06 17.25 -24.16
CA CYS B 235 -7.51 18.40 -24.94
C CYS B 235 -7.95 17.95 -26.34
N VAL B 236 -9.14 18.36 -26.75
CA VAL B 236 -9.67 18.05 -28.07
C VAL B 236 -10.17 19.34 -28.71
N ALA B 237 -9.83 19.55 -29.97
CA ALA B 237 -10.29 20.72 -30.71
C ALA B 237 -11.59 20.39 -31.42
N LEU B 238 -12.62 21.21 -31.19
CA LEU B 238 -13.92 20.95 -31.80
C LEU B 238 -13.92 21.30 -33.29
N SER B 239 -13.09 22.25 -33.70
CA SER B 239 -13.06 22.70 -35.09
C SER B 239 -12.09 21.86 -35.93
N ASP B 240 -12.27 20.53 -35.89
CA ASP B 240 -11.45 19.64 -36.68
C ASP B 240 -12.25 18.54 -37.36
N TYR B 241 -13.59 18.59 -37.32
CA TYR B 241 -14.39 17.57 -37.97
C TYR B 241 -14.21 17.61 -39.48
N ASP B 242 -14.13 18.80 -40.07
CA ASP B 242 -14.01 18.96 -41.51
C ASP B 242 -12.57 18.94 -42.00
N LEU B 243 -11.60 18.93 -41.10
CA LEU B 243 -10.19 18.95 -41.48
C LEU B 243 -9.67 17.51 -41.66
N VAL B 244 -8.47 17.41 -42.23
CA VAL B 244 -7.85 16.12 -42.50
C VAL B 244 -6.45 16.12 -41.92
N LEU B 245 -5.93 14.92 -41.68
CA LEU B 245 -4.61 14.76 -41.11
C LEU B 245 -3.54 15.21 -42.10
N ALA B 246 -2.46 15.78 -41.56
CA ALA B 246 -1.37 16.28 -42.41
C ALA B 246 -0.68 15.14 -43.15
N GLU B 247 -0.44 14.02 -42.47
CA GLU B 247 0.29 12.91 -43.10
C GLU B 247 -0.52 12.30 -44.24
N ASP B 248 -1.79 11.96 -43.98
CA ASP B 248 -2.66 11.37 -44.98
C ASP B 248 -4.04 12.00 -44.91
N GLU B 249 -4.69 12.11 -46.06
CA GLU B 249 -6.01 12.70 -46.15
C GLU B 249 -7.13 11.69 -45.95
N GLU B 250 -6.79 10.42 -45.76
CA GLU B 250 -7.82 9.39 -45.57
C GLU B 250 -8.43 9.44 -44.17
N MET B 251 -7.63 9.76 -43.16
CA MET B 251 -8.09 9.74 -41.78
C MET B 251 -8.34 11.16 -41.28
N ASN B 252 -9.52 11.39 -40.73
CA ASN B 252 -9.85 12.68 -40.15
C ASN B 252 -9.12 12.89 -38.83
N ARG B 253 -8.85 14.16 -38.51
CA ARG B 253 -8.10 14.47 -37.29
C ARG B 253 -8.89 14.10 -36.03
N MET B 254 -10.20 14.38 -36.02
CA MET B 254 -11.00 14.04 -34.85
C MET B 254 -11.09 12.53 -34.65
N HIS B 255 -11.04 11.76 -35.74
CA HIS B 255 -10.99 10.31 -35.58
C HIS B 255 -9.69 9.87 -34.92
N ALA B 256 -8.57 10.51 -35.26
CA ALA B 256 -7.31 10.21 -34.59
C ALA B 256 -7.37 10.60 -33.11
N SER B 257 -8.00 11.73 -32.81
CA SER B 257 -8.17 12.13 -31.41
C SER B 257 -9.02 11.12 -30.66
N MET B 258 -10.10 10.64 -31.29
CA MET B 258 -10.94 9.63 -30.67
C MET B 258 -10.17 8.34 -30.42
N LYS B 259 -9.33 7.93 -31.38
CA LYS B 259 -8.52 6.73 -31.21
C LYS B 259 -7.54 6.90 -30.06
N LEU B 260 -6.89 8.05 -29.96
CA LEU B 260 -5.94 8.29 -28.87
C LEU B 260 -6.66 8.30 -27.52
N PHE B 261 -7.84 8.93 -27.46
CA PHE B 261 -8.60 8.92 -26.21
C PHE B 261 -9.02 7.52 -25.82
N ASP B 262 -9.45 6.71 -26.79
CA ASP B 262 -9.82 5.33 -26.51
C ASP B 262 -8.62 4.54 -26.00
N SER B 263 -7.45 4.74 -26.61
CA SER B 263 -6.26 4.03 -26.16
C SER B 263 -5.87 4.44 -24.74
N ILE B 264 -5.94 5.73 -24.43
CA ILE B 264 -5.54 6.21 -23.11
C ILE B 264 -6.53 5.76 -22.04
N CYS B 265 -7.83 5.86 -22.33
CA CYS B 265 -8.84 5.61 -21.31
C CYS B 265 -8.84 4.15 -20.87
N ASN B 266 -8.67 3.22 -21.80
CA ASN B 266 -8.76 1.79 -21.52
C ASN B 266 -7.40 1.14 -21.31
N ASN B 267 -6.36 1.93 -21.03
CA ASN B 267 -5.05 1.37 -20.76
C ASN B 267 -5.08 0.58 -19.45
N LYS B 268 -4.18 -0.41 -19.36
CA LYS B 268 -4.15 -1.24 -18.16
C LYS B 268 -3.54 -0.52 -16.97
N TRP B 269 -2.62 0.42 -17.22
CA TRP B 269 -2.01 1.16 -16.11
C TRP B 269 -2.99 2.17 -15.51
N PHE B 270 -3.76 2.85 -16.36
CA PHE B 270 -4.67 3.90 -15.91
C PHE B 270 -6.07 3.32 -15.77
N THR B 271 -6.32 2.66 -14.64
CA THR B 271 -7.63 2.13 -14.32
C THR B 271 -8.35 2.95 -13.25
N ASP B 272 -7.64 3.49 -12.28
CA ASP B 272 -8.23 4.30 -11.22
C ASP B 272 -7.95 5.78 -11.40
N THR B 273 -7.47 6.20 -12.57
CA THR B 273 -7.11 7.58 -12.83
C THR B 273 -8.23 8.25 -13.61
N SER B 274 -8.72 9.39 -13.11
CA SER B 274 -9.81 10.09 -13.75
C SER B 274 -9.29 10.97 -14.89
N ILE B 275 -10.20 11.27 -15.82
CA ILE B 275 -9.88 12.05 -17.00
C ILE B 275 -10.76 13.29 -17.03
N ILE B 276 -10.13 14.45 -17.06
CA ILE B 276 -10.79 15.72 -17.34
C ILE B 276 -10.65 15.98 -18.84
N LEU B 277 -11.71 16.48 -19.45
CA LEU B 277 -11.75 16.67 -20.89
C LEU B 277 -12.03 18.14 -21.21
N PHE B 278 -11.21 18.72 -22.08
CA PHE B 278 -11.43 20.09 -22.56
C PHE B 278 -11.73 20.06 -24.04
N LEU B 279 -12.76 20.80 -24.45
CA LEU B 279 -13.13 20.95 -25.85
C LEU B 279 -12.90 22.41 -26.23
N ASN B 280 -11.86 22.65 -27.03
CA ASN B 280 -11.42 24.00 -27.34
C ASN B 280 -12.08 24.50 -28.63
N LYS B 281 -11.75 25.74 -28.99
CA LYS B 281 -12.19 26.37 -30.24
C LYS B 281 -13.71 26.35 -30.37
N LYS B 282 -14.39 26.72 -29.28
CA LYS B 282 -15.85 26.73 -29.29
C LYS B 282 -16.40 27.77 -30.27
N ASP B 283 -15.80 28.96 -30.30
CA ASP B 283 -16.28 30.00 -31.20
C ASP B 283 -15.99 29.67 -32.66
N LEU B 284 -14.81 29.11 -32.94
CA LEU B 284 -14.50 28.71 -34.31
C LEU B 284 -15.43 27.59 -34.77
N PHE B 285 -15.76 26.66 -33.87
CA PHE B 285 -16.75 25.64 -34.20
C PHE B 285 -18.12 26.26 -34.44
N GLU B 286 -18.49 27.26 -33.63
CA GLU B 286 -19.73 27.99 -33.85
C GLU B 286 -19.78 28.56 -35.27
N GLU B 287 -18.68 29.21 -35.69
CA GLU B 287 -18.63 29.78 -37.03
C GLU B 287 -18.67 28.70 -38.11
N LYS B 288 -17.97 27.59 -37.89
CA LYS B 288 -17.79 26.59 -38.93
C LYS B 288 -19.00 25.70 -39.13
N ILE B 289 -19.79 25.45 -38.07
CA ILE B 289 -20.85 24.45 -38.15
C ILE B 289 -21.91 24.86 -39.18
N LYS B 290 -22.22 26.17 -39.25
CA LYS B 290 -23.24 26.62 -40.19
C LYS B 290 -22.80 26.39 -41.63
N LYS B 291 -21.55 26.69 -41.96
CA LYS B 291 -21.08 26.54 -43.33
C LYS B 291 -20.95 25.06 -43.70
N SER B 292 -20.35 24.25 -42.84
CA SER B 292 -20.13 22.84 -43.11
C SER B 292 -20.96 21.99 -42.17
N PRO B 293 -22.04 21.37 -42.63
CA PRO B 293 -22.84 20.51 -41.75
C PRO B 293 -22.01 19.38 -41.16
N LEU B 294 -22.32 19.02 -39.91
CA LEU B 294 -21.59 17.97 -39.20
C LEU B 294 -22.07 16.62 -39.71
N THR B 295 -21.61 16.28 -40.92
CA THR B 295 -21.90 14.97 -41.50
C THR B 295 -20.69 14.30 -42.14
N ILE B 296 -19.60 15.02 -42.41
CA ILE B 296 -18.40 14.39 -42.95
C ILE B 296 -17.74 13.53 -41.89
N CYS B 297 -17.88 13.90 -40.61
CA CYS B 297 -17.26 13.14 -39.52
C CYS B 297 -18.21 12.12 -38.91
N TYR B 298 -19.51 12.43 -38.84
CA TYR B 298 -20.51 11.54 -38.26
C TYR B 298 -21.63 11.34 -39.27
N PRO B 299 -21.47 10.38 -40.18
CA PRO B 299 -22.55 10.13 -41.16
C PRO B 299 -23.86 9.71 -40.54
N GLU B 300 -23.81 9.00 -39.41
CA GLU B 300 -25.03 8.49 -38.78
C GLU B 300 -25.80 9.55 -38.00
N TYR B 301 -25.24 10.74 -37.83
CA TYR B 301 -25.91 11.79 -37.08
C TYR B 301 -27.15 12.27 -37.83
N ALA B 302 -28.22 12.56 -37.08
CA ALA B 302 -29.48 13.06 -37.65
C ALA B 302 -29.99 14.17 -36.74
N GLY B 303 -29.62 15.41 -37.07
CA GLY B 303 -30.04 16.56 -36.29
C GLY B 303 -29.80 17.84 -37.05
N SER B 304 -30.50 18.89 -36.62
CA SER B 304 -30.34 20.20 -37.23
C SER B 304 -28.95 20.75 -36.97
N ASN B 305 -28.44 21.53 -37.94
CA ASN B 305 -27.08 22.06 -37.87
C ASN B 305 -27.07 23.29 -36.95
N THR B 306 -27.08 23.01 -35.64
CA THR B 306 -26.94 24.04 -34.64
C THR B 306 -25.92 23.61 -33.60
N TYR B 307 -25.37 24.58 -32.89
CA TYR B 307 -24.23 24.34 -32.01
C TYR B 307 -24.58 23.41 -30.85
N GLU B 308 -25.74 23.61 -30.23
CA GLU B 308 -26.01 22.96 -28.95
C GLU B 308 -26.08 21.44 -29.09
N GLU B 309 -26.90 20.93 -30.02
CA GLU B 309 -27.06 19.49 -30.12
C GLU B 309 -25.85 18.83 -30.77
N ALA B 310 -25.16 19.53 -31.67
CA ALA B 310 -23.92 18.99 -32.23
C ALA B 310 -22.86 18.83 -31.14
N ALA B 311 -22.72 19.84 -30.28
CA ALA B 311 -21.77 19.74 -29.17
C ALA B 311 -22.18 18.64 -28.20
N ALA B 312 -23.48 18.51 -27.93
CA ALA B 312 -23.94 17.44 -27.06
C ALA B 312 -23.64 16.07 -27.66
N TYR B 313 -23.84 15.92 -28.97
CA TYR B 313 -23.52 14.66 -29.63
C TYR B 313 -22.04 14.36 -29.57
N ILE B 314 -21.18 15.37 -29.78
CA ILE B 314 -19.74 15.16 -29.71
C ILE B 314 -19.33 14.73 -28.31
N GLN B 315 -19.87 15.40 -27.29
CA GLN B 315 -19.56 15.05 -25.91
C GLN B 315 -20.03 13.64 -25.59
N CYS B 316 -21.23 13.27 -26.05
CA CYS B 316 -21.74 11.92 -25.79
C CYS B 316 -20.88 10.87 -26.47
N GLN B 317 -20.43 11.12 -27.71
CA GLN B 317 -19.56 10.18 -28.40
C GLN B 317 -18.23 10.03 -27.67
N PHE B 318 -17.67 11.14 -27.18
CA PHE B 318 -16.40 11.06 -26.48
C PHE B 318 -16.53 10.34 -25.13
N GLU B 319 -17.65 10.57 -24.43
CA GLU B 319 -17.85 9.92 -23.14
C GLU B 319 -18.22 8.44 -23.28
N ASP B 320 -18.83 8.06 -24.40
CA ASP B 320 -19.24 6.67 -24.60
C ASP B 320 -18.07 5.73 -24.82
N LEU B 321 -16.87 6.25 -25.09
CA LEU B 321 -15.71 5.39 -25.31
C LEU B 321 -15.31 4.66 -24.04
N ASN B 322 -15.61 5.23 -22.88
CA ASN B 322 -15.20 4.63 -21.61
C ASN B 322 -15.87 3.27 -21.43
N LYS B 323 -15.08 2.28 -21.00
CA LYS B 323 -15.59 0.95 -20.71
C LYS B 323 -15.61 0.62 -19.22
N ARG B 324 -14.84 1.35 -18.41
CA ARG B 324 -14.84 1.15 -16.96
C ARG B 324 -15.77 2.18 -16.31
N LYS B 325 -17.07 1.97 -16.55
CA LYS B 325 -18.08 2.92 -16.08
C LYS B 325 -18.15 3.00 -14.57
N ASP B 326 -17.74 1.95 -13.86
CA ASP B 326 -17.90 1.87 -12.41
C ASP B 326 -16.59 2.08 -11.65
N THR B 327 -15.56 2.59 -12.32
CA THR B 327 -14.26 2.77 -11.66
C THR B 327 -13.72 4.17 -11.88
N LYS B 328 -14.08 4.80 -13.00
CA LYS B 328 -13.58 6.13 -13.34
C LYS B 328 -14.69 6.95 -13.96
N GLU B 329 -14.50 8.28 -13.92
CA GLU B 329 -15.47 9.22 -14.45
C GLU B 329 -14.76 10.24 -15.33
N ILE B 330 -15.48 10.75 -16.32
CA ILE B 330 -14.97 11.73 -17.27
C ILE B 330 -15.75 13.03 -17.10
N TYR B 331 -15.04 14.11 -16.83
CA TYR B 331 -15.64 15.43 -16.70
C TYR B 331 -15.43 16.22 -17.99
N THR B 332 -16.52 16.68 -18.58
CA THR B 332 -16.48 17.40 -19.86
C THR B 332 -16.77 18.87 -19.62
N HIS B 333 -15.94 19.74 -20.17
CA HIS B 333 -16.12 21.17 -20.06
C HIS B 333 -15.77 21.85 -21.37
N PHE B 334 -16.57 22.84 -21.75
CA PHE B 334 -16.28 23.68 -22.92
C PHE B 334 -15.53 24.92 -22.46
N THR B 335 -14.29 25.06 -22.92
CA THR B 335 -13.45 26.16 -22.48
C THR B 335 -14.01 27.50 -22.93
N CYS B 336 -13.99 28.47 -22.04
CA CYS B 336 -14.54 29.80 -22.29
C CYS B 336 -13.43 30.84 -22.37
N SER B 337 -13.76 31.98 -22.98
CA SER B 337 -12.78 33.05 -23.13
C SER B 337 -12.34 33.61 -21.79
N THR B 338 -13.27 33.74 -20.85
CA THR B 338 -12.95 34.28 -19.53
C THR B 338 -12.07 33.28 -18.79
N ASP B 339 -10.80 33.63 -18.59
CA ASP B 339 -9.83 32.74 -17.97
C ASP B 339 -9.96 32.76 -16.45
N THR B 340 -11.18 32.47 -15.99
CA THR B 340 -11.44 32.34 -14.57
C THR B 340 -12.31 31.14 -14.20
N LYS B 341 -12.99 30.51 -15.17
CA LYS B 341 -13.83 29.36 -14.89
C LYS B 341 -13.13 28.03 -15.16
N ASN B 342 -12.11 28.02 -16.03
CA ASN B 342 -11.39 26.79 -16.32
C ASN B 342 -10.67 26.28 -15.08
N VAL B 343 -9.96 27.17 -14.39
CA VAL B 343 -9.25 26.77 -13.18
C VAL B 343 -10.24 26.37 -12.09
N GLN B 344 -11.40 27.01 -12.02
CA GLN B 344 -12.43 26.60 -11.06
C GLN B 344 -12.93 25.20 -11.36
N PHE B 345 -13.14 24.89 -12.65
CA PHE B 345 -13.58 23.56 -13.02
C PHE B 345 -12.51 22.51 -12.67
N VAL B 346 -11.25 22.83 -12.93
CA VAL B 346 -10.17 21.92 -12.57
C VAL B 346 -10.14 21.71 -11.06
N PHE B 347 -10.31 22.78 -10.28
CA PHE B 347 -10.33 22.67 -8.83
C PHE B 347 -11.47 21.78 -8.36
N ASP B 348 -12.66 21.95 -8.93
CA ASP B 348 -13.80 21.13 -8.55
C ASP B 348 -13.56 19.67 -8.88
N ALA B 349 -13.02 19.39 -10.07
CA ALA B 349 -12.75 18.01 -10.45
C ALA B 349 -11.71 17.37 -9.54
N VAL B 350 -10.65 18.11 -9.20
CA VAL B 350 -9.62 17.58 -8.31
C VAL B 350 -10.20 17.34 -6.92
N THR B 351 -11.05 18.24 -6.44
CA THR B 351 -11.68 18.05 -5.14
C THR B 351 -12.54 16.78 -5.13
N ASP B 352 -13.32 16.57 -6.19
CA ASP B 352 -14.14 15.37 -6.27
C ASP B 352 -13.27 14.10 -6.30
N VAL B 353 -12.18 14.13 -7.07
CA VAL B 353 -11.29 12.97 -7.13
C VAL B 353 -10.67 12.70 -5.77
N ILE B 354 -10.25 13.74 -5.06
CA ILE B 354 -9.65 13.57 -3.74
C ILE B 354 -10.66 13.00 -2.77
N ILE B 355 -11.91 13.47 -2.84
CA ILE B 355 -12.96 12.94 -1.97
C ILE B 355 -13.19 11.46 -2.25
N LYS B 356 -13.25 11.09 -3.54
CA LYS B 356 -13.46 9.69 -3.89
C LYS B 356 -12.27 8.82 -3.49
N ASN B 357 -11.06 9.38 -3.48
CA ASN B 357 -9.90 8.62 -3.02
C ASN B 357 -9.94 8.44 -1.51
N ASN B 358 -10.29 9.48 -0.76
CA ASN B 358 -10.39 9.38 0.69
C ASN B 358 -11.52 8.45 1.11
N LEU B 359 -12.56 8.31 0.26
CA LEU B 359 -13.62 7.35 0.55
C LEU B 359 -13.09 5.92 0.57
N LYS B 360 -12.02 5.65 -0.18
CA LYS B 360 -11.42 4.32 -0.20
C LYS B 360 -10.30 4.18 0.83
N ASP B 361 -9.53 5.26 1.05
CA ASP B 361 -8.45 5.20 2.03
C ASP B 361 -9.00 4.96 3.43
N CYS B 362 -10.11 5.61 3.78
CA CYS B 362 -10.69 5.49 5.11
C CYS B 362 -11.34 4.14 5.35
N GLY B 363 -11.50 3.31 4.32
CA GLY B 363 -12.11 2.01 4.48
C GLY B 363 -13.63 2.02 4.53
N LEU B 364 -14.27 3.12 4.15
CA LEU B 364 -15.73 3.17 4.14
C LEU B 364 -16.31 2.15 3.16
N PHE B 365 -15.71 2.02 1.98
CA PHE B 365 -16.15 1.04 1.01
C PHE B 365 -14.98 0.15 0.59
N GLN C 16 18.53 -2.97 -56.18
CA GLN C 16 19.92 -3.26 -56.48
C GLN C 16 20.70 -3.57 -55.21
N LEU C 17 20.80 -2.57 -54.33
CA LEU C 17 21.52 -2.75 -53.07
C LEU C 17 20.80 -3.71 -52.14
N ARG C 18 19.47 -3.77 -52.21
CA ARG C 18 18.71 -4.68 -51.36
C ARG C 18 19.06 -6.13 -51.67
N GLN C 19 19.17 -6.47 -52.96
CA GLN C 19 19.56 -7.82 -53.34
C GLN C 19 20.95 -8.17 -52.84
N GLU C 20 21.89 -7.22 -52.95
CA GLU C 20 23.25 -7.47 -52.45
C GLU C 20 23.25 -7.68 -50.94
N ALA C 21 22.47 -6.87 -50.21
CA ALA C 21 22.39 -7.04 -48.77
C ALA C 21 21.78 -8.38 -48.39
N GLU C 22 20.73 -8.80 -49.12
CA GLU C 22 20.13 -10.10 -48.86
C GLU C 22 21.12 -11.23 -49.14
N GLN C 23 21.90 -11.11 -50.23
CA GLN C 23 22.89 -12.13 -50.53
C GLN C 23 23.97 -12.18 -49.45
N LEU C 24 24.41 -11.02 -48.96
CA LEU C 24 25.41 -10.99 -47.89
C LEU C 24 24.87 -11.61 -46.62
N LYS C 25 23.60 -11.33 -46.29
CA LYS C 25 23.00 -11.95 -45.12
C LYS C 25 22.88 -13.46 -45.28
N ASN C 26 22.57 -13.92 -46.51
CA ASN C 26 22.52 -15.35 -46.77
C ASN C 26 23.89 -15.99 -46.59
N GLN C 27 24.95 -15.33 -47.06
CA GLN C 27 26.29 -15.85 -46.86
C GLN C 27 26.65 -15.90 -45.38
N ILE C 28 26.27 -14.87 -44.62
CA ILE C 28 26.52 -14.86 -43.18
C ILE C 28 25.81 -16.02 -42.50
N ARG C 29 24.55 -16.25 -42.87
CA ARG C 29 23.79 -17.36 -42.28
C ARG C 29 24.42 -18.70 -42.65
N ASP C 30 24.86 -18.86 -43.90
CA ASP C 30 25.49 -20.09 -44.33
C ASP C 30 26.79 -20.34 -43.56
N ALA C 31 27.59 -19.30 -43.38
CA ALA C 31 28.83 -19.44 -42.63
C ALA C 31 28.56 -19.81 -41.17
N ARG C 32 27.56 -19.17 -40.56
CA ARG C 32 27.21 -19.49 -39.18
C ARG C 32 26.73 -20.93 -39.05
N LYS C 33 25.92 -21.39 -40.01
CA LYS C 33 25.46 -22.77 -39.98
C LYS C 33 26.63 -23.75 -40.18
N ALA C 34 27.57 -23.40 -41.06
CA ALA C 34 28.72 -24.27 -41.29
C ALA C 34 29.60 -24.36 -40.05
N CYS C 35 29.77 -23.24 -39.33
CA CYS C 35 30.60 -23.24 -38.14
C CYS C 35 29.97 -24.00 -36.98
N ALA C 36 28.70 -24.38 -37.09
CA ALA C 36 28.00 -25.10 -36.03
C ALA C 36 28.22 -26.60 -36.21
N ASP C 37 29.08 -27.18 -35.37
CA ASP C 37 29.34 -28.61 -35.39
C ASP C 37 28.56 -29.36 -34.31
N ALA C 38 28.46 -28.79 -33.11
CA ALA C 38 27.72 -29.41 -32.03
C ALA C 38 27.20 -28.32 -31.10
N THR C 39 26.19 -28.66 -30.31
CA THR C 39 25.60 -27.74 -29.35
C THR C 39 26.19 -27.96 -27.96
N LEU C 40 26.01 -26.96 -27.11
CA LEU C 40 26.55 -27.03 -25.75
C LEU C 40 25.91 -28.18 -24.97
N SER C 41 24.60 -28.35 -25.11
CA SER C 41 23.88 -29.34 -24.31
C SER C 41 24.35 -30.75 -24.60
N GLN C 42 24.80 -31.02 -25.83
CA GLN C 42 25.25 -32.37 -26.17
C GLN C 42 26.52 -32.74 -25.41
N ILE C 43 27.45 -31.80 -25.26
CA ILE C 43 28.75 -32.09 -24.67
C ILE C 43 28.87 -31.64 -23.22
N THR C 44 27.83 -31.03 -22.65
CA THR C 44 27.84 -30.70 -21.23
C THR C 44 27.07 -31.71 -20.39
N ASN C 45 26.51 -32.75 -21.00
CA ASN C 45 25.74 -33.73 -20.25
C ASN C 45 26.60 -34.56 -19.30
N ASN C 46 27.92 -34.58 -19.52
CA ASN C 46 28.80 -35.39 -18.68
C ASN C 46 28.78 -34.91 -17.23
N ILE C 47 28.81 -33.59 -17.03
CA ILE C 47 28.92 -33.03 -15.68
C ILE C 47 27.66 -33.34 -14.88
N ASP C 48 27.82 -33.45 -13.56
CA ASP C 48 26.70 -33.70 -12.67
C ASP C 48 25.93 -32.42 -12.39
N PRO C 49 24.60 -32.46 -12.39
CA PRO C 49 23.82 -31.25 -12.11
C PRO C 49 24.04 -30.75 -10.70
N VAL C 50 23.93 -29.43 -10.54
CA VAL C 50 24.07 -28.79 -9.24
C VAL C 50 22.77 -28.97 -8.45
N GLY C 51 22.91 -29.09 -7.14
CA GLY C 51 21.76 -29.26 -6.29
C GLY C 51 20.90 -28.01 -6.20
N ARG C 52 19.69 -28.19 -5.67
CA ARG C 52 18.76 -27.08 -5.52
C ARG C 52 19.33 -26.03 -4.58
N ILE C 53 19.24 -24.78 -4.98
CA ILE C 53 19.79 -23.66 -4.22
C ILE C 53 18.71 -23.11 -3.30
N GLN C 54 18.97 -23.12 -2.00
CA GLN C 54 18.08 -22.56 -1.00
C GLN C 54 18.70 -21.26 -0.49
N MET C 55 18.10 -20.14 -0.87
CA MET C 55 18.62 -18.81 -0.54
C MET C 55 17.68 -18.14 0.44
N ARG C 56 18.22 -17.66 1.56
CA ARG C 56 17.46 -17.01 2.60
C ARG C 56 17.88 -15.54 2.68
N THR C 57 16.89 -14.66 2.77
CA THR C 57 17.18 -13.23 2.86
C THR C 57 17.92 -12.92 4.16
N ARG C 58 18.85 -11.98 4.09
CA ARG C 58 19.65 -11.56 5.23
C ARG C 58 19.30 -10.18 5.74
N ARG C 59 19.13 -9.21 4.85
CA ARG C 59 18.80 -7.84 5.22
C ARG C 59 17.66 -7.34 4.35
N THR C 60 16.93 -6.36 4.88
CA THR C 60 15.92 -5.64 4.13
C THR C 60 16.11 -4.15 4.35
N LEU C 61 16.17 -3.38 3.26
CA LEU C 61 16.43 -1.96 3.31
C LEU C 61 15.15 -1.20 2.97
N ARG C 62 14.76 -0.28 3.86
CA ARG C 62 13.51 0.46 3.72
C ARG C 62 13.78 1.94 3.88
N GLY C 63 12.91 2.74 3.27
CA GLY C 63 13.08 4.19 3.28
C GLY C 63 12.65 4.83 1.97
N HIS C 64 12.34 4.00 0.97
CA HIS C 64 11.84 4.48 -0.31
C HIS C 64 10.32 4.54 -0.29
N LEU C 65 9.77 5.59 -0.88
CA LEU C 65 8.33 5.84 -0.85
C LEU C 65 7.67 5.67 -2.20
N ALA C 66 8.38 5.14 -3.19
CA ALA C 66 7.81 4.98 -4.53
C ALA C 66 8.51 3.80 -5.21
N LYS C 67 8.20 3.60 -6.49
CA LYS C 67 8.80 2.50 -7.24
C LYS C 67 10.31 2.70 -7.36
N ILE C 68 11.02 1.59 -7.46
CA ILE C 68 12.48 1.58 -7.54
C ILE C 68 12.87 1.04 -8.90
N TYR C 69 13.76 1.75 -9.61
CA TYR C 69 14.02 1.44 -11.00
C TYR C 69 15.43 0.96 -11.31
N ALA C 70 16.39 1.13 -10.41
CA ALA C 70 17.74 0.70 -10.71
C ALA C 70 18.55 0.58 -9.42
N MET C 71 19.70 -0.09 -9.53
CA MET C 71 20.63 -0.23 -8.42
C MET C 71 21.98 -0.66 -9.00
N HIS C 72 23.02 -0.50 -8.19
CA HIS C 72 24.37 -0.83 -8.65
C HIS C 72 25.27 -1.03 -7.43
N TRP C 73 25.81 -2.24 -7.28
CA TRP C 73 26.76 -2.51 -6.21
C TRP C 73 28.05 -1.74 -6.42
N GLY C 74 28.71 -1.42 -5.31
CA GLY C 74 30.04 -0.85 -5.37
C GLY C 74 31.09 -1.92 -5.63
N THR C 75 32.32 -1.45 -5.85
CA THR C 75 33.42 -2.36 -6.10
C THR C 75 33.99 -2.98 -4.83
N ASP C 76 33.65 -2.45 -3.66
CA ASP C 76 34.02 -3.04 -2.39
C ASP C 76 32.97 -4.00 -1.85
N SER C 77 31.87 -4.19 -2.58
CA SER C 77 30.79 -5.12 -2.21
C SER C 77 30.19 -4.76 -0.85
N ARG C 78 30.17 -3.49 -0.49
CA ARG C 78 29.54 -3.07 0.74
C ARG C 78 28.51 -1.96 0.53
N LEU C 79 28.79 -1.00 -0.34
CA LEU C 79 27.90 0.12 -0.59
C LEU C 79 27.13 -0.07 -1.89
N LEU C 80 25.89 0.42 -1.90
CA LEU C 80 25.04 0.34 -3.08
C LEU C 80 24.19 1.59 -3.16
N VAL C 81 23.70 1.87 -4.37
CA VAL C 81 22.91 3.06 -4.66
C VAL C 81 21.61 2.65 -5.32
N SER C 82 20.51 3.28 -4.92
CA SER C 82 19.19 2.98 -5.44
C SER C 82 18.48 4.26 -5.86
N ALA C 83 17.68 4.14 -6.93
CA ALA C 83 16.96 5.25 -7.52
C ALA C 83 15.47 4.95 -7.58
N SER C 84 14.66 5.96 -7.21
CA SER C 84 13.22 5.80 -7.08
C SER C 84 12.52 7.02 -7.66
N GLN C 85 11.21 6.88 -7.88
CA GLN C 85 10.40 7.94 -8.47
C GLN C 85 10.17 9.11 -7.52
N ASP C 86 10.47 8.96 -6.23
CA ASP C 86 10.24 10.05 -5.28
C ASP C 86 11.25 11.18 -5.41
N GLY C 87 12.25 11.04 -6.26
CA GLY C 87 13.27 12.06 -6.41
C GLY C 87 14.44 11.96 -5.47
N LYS C 88 14.65 10.79 -4.87
CA LYS C 88 15.74 10.56 -3.93
C LYS C 88 16.64 9.46 -4.46
N LEU C 89 17.94 9.74 -4.50
CA LEU C 89 18.96 8.76 -4.83
C LEU C 89 19.66 8.40 -3.53
N ILE C 90 19.47 7.16 -3.07
CA ILE C 90 19.88 6.77 -1.73
C ILE C 90 21.08 5.82 -1.83
N ILE C 91 22.14 6.16 -1.13
CA ILE C 91 23.34 5.32 -1.04
C ILE C 91 23.34 4.70 0.36
N TRP C 92 23.18 3.38 0.40
CA TRP C 92 22.99 2.65 1.65
C TRP C 92 24.33 2.14 2.19
N ASP C 93 24.26 1.27 3.19
CA ASP C 93 25.40 0.52 3.70
C ASP C 93 24.85 -0.87 4.00
N SER C 94 25.15 -1.83 3.12
CA SER C 94 24.46 -3.12 3.17
C SER C 94 24.77 -3.90 4.45
N TYR C 95 25.95 -3.69 5.04
CA TYR C 95 26.34 -4.48 6.19
C TYR C 95 25.46 -4.18 7.40
N THR C 96 25.30 -2.90 7.73
CA THR C 96 24.60 -2.51 8.95
C THR C 96 23.29 -1.77 8.68
N THR C 97 22.80 -1.80 7.43
CA THR C 97 21.48 -1.30 7.06
C THR C 97 21.41 0.23 7.14
N ASN C 98 22.45 0.86 7.69
CA ASN C 98 22.47 2.31 7.80
C ASN C 98 22.53 2.95 6.42
N LYS C 99 21.93 4.14 6.31
CA LYS C 99 21.95 4.90 5.07
C LYS C 99 23.08 5.92 5.12
N VAL C 100 23.91 5.94 4.08
CA VAL C 100 25.06 6.84 4.06
C VAL C 100 24.70 8.17 3.42
N HIS C 101 23.95 8.17 2.32
CA HIS C 101 23.61 9.42 1.65
C HIS C 101 22.20 9.35 1.09
N ALA C 102 21.58 10.52 0.93
CA ALA C 102 20.26 10.64 0.30
C ALA C 102 20.26 11.96 -0.48
N ILE C 103 20.52 11.88 -1.78
CA ILE C 103 20.63 13.06 -2.64
C ILE C 103 19.27 13.37 -3.27
N PRO C 104 18.76 14.58 -3.11
CA PRO C 104 17.54 14.96 -3.83
C PRO C 104 17.82 15.14 -5.32
N LEU C 105 16.78 14.92 -6.12
CA LEU C 105 16.90 14.95 -7.57
C LEU C 105 16.13 16.14 -8.14
N ARG C 106 16.70 16.76 -9.17
CA ARG C 106 16.01 17.86 -9.85
C ARG C 106 14.72 17.40 -10.49
N SER C 107 14.74 16.22 -11.13
CA SER C 107 13.58 15.63 -11.76
C SER C 107 13.29 14.28 -11.13
N SER C 108 12.01 14.02 -10.85
CA SER C 108 11.60 12.80 -10.16
C SER C 108 11.35 11.64 -11.10
N TRP C 109 11.58 11.80 -12.40
CA TRP C 109 11.39 10.74 -13.38
C TRP C 109 12.77 10.19 -13.74
N VAL C 110 13.17 9.11 -13.06
CA VAL C 110 14.49 8.53 -13.24
C VAL C 110 14.33 7.05 -13.58
N MET C 111 15.24 6.55 -14.43
CA MET C 111 15.16 5.18 -14.91
C MET C 111 16.48 4.43 -14.83
N THR C 112 17.54 5.04 -14.30
CA THR C 112 18.83 4.38 -14.25
C THR C 112 19.70 5.03 -13.18
N CYS C 113 20.75 4.31 -12.79
CA CYS C 113 21.75 4.82 -11.88
C CYS C 113 23.02 3.98 -12.05
N ALA C 114 24.12 4.52 -11.55
CA ALA C 114 25.41 3.84 -11.67
C ALA C 114 26.31 4.28 -10.52
N TYR C 115 27.30 3.44 -10.22
CA TYR C 115 28.27 3.70 -9.17
C TYR C 115 29.66 3.62 -9.77
N ALA C 116 30.47 4.65 -9.53
CA ALA C 116 31.80 4.71 -10.12
C ALA C 116 32.68 3.58 -9.59
N PRO C 117 33.62 3.08 -10.39
CA PRO C 117 34.51 2.03 -9.91
C PRO C 117 35.36 2.45 -8.72
N SER C 118 35.75 3.71 -8.64
CA SER C 118 36.57 4.19 -7.53
C SER C 118 35.74 4.74 -6.38
N GLY C 119 34.42 4.71 -6.48
CA GLY C 119 33.57 5.18 -5.40
C GLY C 119 33.50 6.68 -5.24
N ASN C 120 33.90 7.44 -6.26
CA ASN C 120 33.90 8.90 -6.15
C ASN C 120 32.60 9.51 -6.64
N TYR C 121 32.09 9.07 -7.79
CA TYR C 121 30.96 9.69 -8.44
C TYR C 121 29.79 8.71 -8.54
N VAL C 122 28.59 9.27 -8.75
CA VAL C 122 27.41 8.51 -9.08
C VAL C 122 26.72 9.18 -10.27
N ALA C 123 25.87 8.42 -10.95
CA ALA C 123 25.19 8.91 -12.14
C ALA C 123 23.70 8.65 -12.03
N CYS C 124 22.92 9.47 -12.74
CA CYS C 124 21.48 9.33 -12.72
C CYS C 124 20.90 9.93 -13.99
N GLY C 125 19.85 9.29 -14.52
CA GLY C 125 19.21 9.78 -15.73
C GLY C 125 17.79 9.27 -15.83
N GLY C 126 17.07 9.79 -16.82
CA GLY C 126 15.69 9.38 -17.02
C GLY C 126 14.97 10.12 -18.12
N LEU C 127 13.73 10.54 -17.83
CA LEU C 127 12.88 11.18 -18.83
C LEU C 127 13.31 12.61 -19.14
N ASP C 128 14.22 13.19 -18.37
CA ASP C 128 14.66 14.56 -18.61
C ASP C 128 15.73 14.67 -19.69
N ASN C 129 16.21 13.55 -20.23
CA ASN C 129 17.20 13.52 -21.30
C ASN C 129 18.53 14.16 -20.90
N ILE C 130 18.80 14.23 -19.60
CA ILE C 130 20.03 14.82 -19.08
C ILE C 130 20.63 13.86 -18.07
N CYS C 131 21.93 13.56 -18.24
CA CYS C 131 22.63 12.64 -17.36
C CYS C 131 23.36 13.45 -16.29
N SER C 132 22.92 13.32 -15.04
CA SER C 132 23.50 14.06 -13.92
C SER C 132 24.55 13.20 -13.23
N ILE C 133 25.75 13.74 -13.08
CA ILE C 133 26.85 13.08 -12.39
C ILE C 133 27.10 13.85 -11.11
N TYR C 134 26.93 13.17 -9.98
CA TYR C 134 27.08 13.75 -8.65
C TYR C 134 28.41 13.31 -8.04
N ASN C 135 29.06 14.23 -7.33
CA ASN C 135 30.31 13.97 -6.64
C ASN C 135 30.02 13.69 -5.18
N LEU C 136 30.53 12.56 -4.67
CA LEU C 136 30.24 12.13 -3.31
C LEU C 136 31.23 12.72 -2.30
N LYS C 137 32.51 12.41 -2.46
CA LYS C 137 33.53 12.81 -1.49
C LYS C 137 34.04 14.20 -1.87
N THR C 138 33.42 15.21 -1.29
CA THR C 138 33.81 16.60 -1.49
C THR C 138 34.47 17.15 -0.24
N ARG C 139 35.06 18.34 -0.37
CA ARG C 139 35.70 18.99 0.77
C ARG C 139 34.68 19.33 1.85
N GLU C 140 33.49 19.77 1.45
CA GLU C 140 32.44 20.11 2.41
C GLU C 140 31.82 18.88 3.06
N GLY C 141 32.14 17.68 2.57
CA GLY C 141 31.56 16.47 3.14
C GLY C 141 30.13 16.18 2.76
N ASN C 142 29.64 16.78 1.68
CA ASN C 142 28.28 16.58 1.20
C ASN C 142 28.30 16.36 -0.30
N VAL C 143 27.11 16.23 -0.88
CA VAL C 143 26.94 15.93 -2.30
C VAL C 143 26.53 17.19 -3.04
N ARG C 144 27.20 17.44 -4.16
CA ARG C 144 26.86 18.53 -5.07
C ARG C 144 26.83 18.02 -6.49
N VAL C 145 26.06 18.68 -7.35
CA VAL C 145 26.01 18.31 -8.75
C VAL C 145 27.38 18.58 -9.37
N SER C 146 28.04 17.52 -9.84
CA SER C 146 29.35 17.68 -10.44
C SER C 146 29.27 18.02 -11.92
N ARG C 147 28.30 17.45 -12.64
CA ARG C 147 28.16 17.79 -14.05
C ARG C 147 26.78 17.36 -14.54
N GLU C 148 26.28 18.07 -15.54
CA GLU C 148 25.05 17.71 -16.24
C GLU C 148 25.37 17.56 -17.73
N LEU C 149 25.09 16.37 -18.27
CA LEU C 149 25.38 16.05 -19.66
C LEU C 149 24.09 16.14 -20.46
N ALA C 150 24.10 16.94 -21.51
CA ALA C 150 22.96 17.12 -22.39
C ALA C 150 23.40 17.02 -23.84
N GLY C 151 22.47 16.67 -24.71
CA GLY C 151 22.75 16.51 -26.12
C GLY C 151 21.98 15.36 -26.75
N HIS C 152 21.40 14.51 -25.92
CA HIS C 152 20.58 13.42 -26.40
C HIS C 152 19.17 13.92 -26.74
N THR C 153 18.48 13.15 -27.58
CA THR C 153 17.13 13.48 -28.01
C THR C 153 16.09 12.49 -27.52
N GLY C 154 16.44 11.68 -26.51
CA GLY C 154 15.51 10.71 -25.98
C GLY C 154 15.79 10.44 -24.51
N TYR C 155 14.90 9.66 -23.89
CA TYR C 155 15.04 9.35 -22.48
C TYR C 155 16.22 8.40 -22.26
N LEU C 156 16.98 8.67 -21.21
CA LEU C 156 18.11 7.81 -20.86
C LEU C 156 17.61 6.46 -20.35
N SER C 157 18.28 5.40 -20.76
CA SER C 157 17.92 4.05 -20.35
C SER C 157 18.99 3.36 -19.52
N CYS C 158 20.27 3.60 -19.81
CA CYS C 158 21.34 2.99 -19.04
C CYS C 158 22.60 3.82 -19.21
N CYS C 159 23.44 3.81 -18.16
CA CYS C 159 24.70 4.53 -18.16
C CYS C 159 25.69 3.79 -17.27
N ARG C 160 26.92 3.69 -17.75
CA ARG C 160 27.98 2.97 -17.06
C ARG C 160 29.26 3.80 -17.06
N PHE C 161 30.13 3.53 -16.09
CA PHE C 161 31.39 4.24 -15.91
C PHE C 161 32.53 3.36 -16.37
N LEU C 162 33.19 3.76 -17.46
CA LEU C 162 34.44 3.10 -17.84
C LEU C 162 35.52 3.37 -16.80
N ASP C 163 35.63 4.61 -16.36
CA ASP C 163 36.59 5.03 -15.34
C ASP C 163 36.07 6.32 -14.71
N ASP C 164 36.94 7.00 -13.97
CA ASP C 164 36.54 8.23 -13.29
C ASP C 164 36.29 9.39 -14.24
N ASN C 165 36.64 9.26 -15.52
CA ASN C 165 36.55 10.37 -16.46
C ASN C 165 35.60 10.13 -17.64
N GLN C 166 35.34 8.89 -18.01
CA GLN C 166 34.53 8.57 -19.19
C GLN C 166 33.29 7.80 -18.77
N ILE C 167 32.15 8.21 -19.32
CA ILE C 167 30.86 7.56 -19.06
C ILE C 167 30.21 7.22 -20.40
N VAL C 168 29.56 6.08 -20.46
CA VAL C 168 28.87 5.62 -21.66
C VAL C 168 27.38 5.55 -21.36
N THR C 169 26.56 6.12 -22.25
CA THR C 169 25.12 6.17 -22.09
C THR C 169 24.44 5.55 -23.31
N SER C 170 23.24 5.02 -23.10
CA SER C 170 22.44 4.47 -24.17
C SER C 170 21.06 5.10 -24.10
N SER C 171 20.66 5.79 -25.16
CA SER C 171 19.42 6.58 -25.13
C SER C 171 18.34 5.90 -25.96
N GLY C 172 17.15 6.49 -25.93
CA GLY C 172 15.99 5.98 -26.63
C GLY C 172 15.85 6.45 -28.06
N ASP C 173 16.81 7.21 -28.58
CA ASP C 173 16.81 7.63 -29.98
C ASP C 173 17.72 6.75 -30.84
N THR C 174 17.80 5.45 -30.51
CA THR C 174 18.59 4.47 -31.27
C THR C 174 20.07 4.82 -31.31
N THR C 175 20.58 5.39 -30.22
CA THR C 175 21.97 5.82 -30.18
C THR C 175 22.60 5.48 -28.84
N CYS C 176 23.92 5.34 -28.87
CA CYS C 176 24.75 5.28 -27.67
C CYS C 176 25.84 6.33 -27.78
N ALA C 177 26.33 6.79 -26.63
CA ALA C 177 27.29 7.88 -26.61
C ALA C 177 28.39 7.60 -25.61
N LEU C 178 29.63 7.85 -26.02
CA LEU C 178 30.78 7.85 -25.13
C LEU C 178 31.17 9.31 -24.89
N TRP C 179 31.02 9.75 -23.64
CA TRP C 179 31.10 11.15 -23.26
C TRP C 179 32.50 11.51 -22.79
N ASP C 180 32.64 12.72 -22.24
CA ASP C 180 33.89 13.20 -21.66
C ASP C 180 33.50 14.16 -20.55
N ILE C 181 33.64 13.71 -19.29
CA ILE C 181 33.08 14.45 -18.17
C ILE C 181 33.79 15.79 -18.00
N GLU C 182 35.11 15.83 -18.21
CA GLU C 182 35.85 17.07 -17.99
C GLU C 182 35.37 18.19 -18.91
N THR C 183 35.16 17.87 -20.19
CA THR C 183 34.67 18.87 -21.14
C THR C 183 33.16 18.93 -21.21
N GLY C 184 32.46 17.88 -20.77
CA GLY C 184 31.01 17.87 -20.83
C GLY C 184 30.44 17.75 -22.23
N GLN C 185 31.22 17.23 -23.17
CA GLN C 185 30.80 17.10 -24.56
C GLN C 185 31.00 15.67 -25.03
N GLN C 186 30.20 15.27 -26.01
CA GLN C 186 30.30 13.92 -26.56
C GLN C 186 31.65 13.69 -27.21
N THR C 187 32.18 12.49 -27.05
CA THR C 187 33.41 12.07 -27.70
C THR C 187 33.18 11.11 -28.85
N THR C 188 32.31 10.12 -28.69
CA THR C 188 31.99 9.19 -29.76
C THR C 188 30.50 8.90 -29.74
N THR C 189 29.94 8.67 -30.93
CA THR C 189 28.52 8.36 -31.06
C THR C 189 28.37 7.07 -31.85
N PHE C 190 27.70 6.08 -31.25
CA PHE C 190 27.44 4.80 -31.88
C PHE C 190 25.99 4.76 -32.35
N THR C 191 25.81 4.65 -33.67
CA THR C 191 24.51 4.53 -34.28
C THR C 191 24.46 3.29 -35.16
N GLY C 192 23.25 2.85 -35.48
CA GLY C 192 23.08 1.68 -36.32
C GLY C 192 21.89 0.82 -35.91
N HIS C 193 21.30 1.11 -34.76
CA HIS C 193 20.16 0.36 -34.28
C HIS C 193 18.90 0.80 -35.01
N THR C 194 17.78 0.16 -34.67
CA THR C 194 16.48 0.48 -35.24
C THR C 194 15.49 0.97 -34.20
N GLY C 195 15.41 0.32 -33.04
CA GLY C 195 14.54 0.73 -31.98
C GLY C 195 15.29 1.28 -30.78
N ASP C 196 14.54 1.51 -29.71
CA ASP C 196 15.11 2.11 -28.50
C ASP C 196 16.11 1.15 -27.86
N VAL C 197 17.20 1.71 -27.35
CA VAL C 197 18.22 0.93 -26.67
C VAL C 197 17.92 0.94 -25.18
N MET C 198 17.77 -0.25 -24.60
CA MET C 198 17.31 -0.38 -23.22
C MET C 198 18.26 -1.19 -22.35
N SER C 199 19.47 -1.47 -22.80
CA SER C 199 20.42 -2.22 -22.00
C SER C 199 21.84 -1.87 -22.43
N LEU C 200 22.79 -2.11 -21.53
CA LEU C 200 24.19 -1.82 -21.77
C LEU C 200 25.05 -2.46 -20.69
N SER C 201 26.14 -3.12 -21.08
CA SER C 201 27.05 -3.74 -20.13
C SER C 201 28.47 -3.62 -20.65
N LEU C 202 29.41 -3.39 -19.75
CA LEU C 202 30.82 -3.23 -20.09
C LEU C 202 31.58 -4.52 -19.83
N ALA C 203 32.51 -4.84 -20.74
CA ALA C 203 33.33 -6.03 -20.59
C ALA C 203 34.33 -5.86 -19.46
N PRO C 204 34.82 -6.97 -18.90
CA PRO C 204 35.79 -6.86 -17.79
C PRO C 204 37.05 -6.09 -18.15
N ASP C 205 37.50 -6.15 -19.40
CA ASP C 205 38.66 -5.37 -19.83
C ASP C 205 38.30 -3.94 -20.22
N THR C 206 37.01 -3.60 -20.19
CA THR C 206 36.54 -2.23 -20.45
C THR C 206 37.01 -1.72 -21.82
N ARG C 207 36.96 -2.59 -22.83
CA ARG C 207 37.29 -2.20 -24.18
C ARG C 207 36.17 -2.41 -25.18
N LEU C 208 35.22 -3.31 -24.90
CA LEU C 208 34.07 -3.54 -25.75
C LEU C 208 32.81 -3.59 -24.88
N PHE C 209 31.67 -3.25 -25.48
CA PHE C 209 30.40 -3.33 -24.78
C PHE C 209 29.31 -3.74 -25.77
N VAL C 210 28.29 -4.41 -25.24
CA VAL C 210 27.18 -4.90 -26.04
C VAL C 210 25.94 -4.07 -25.71
N SER C 211 25.09 -3.89 -26.72
CA SER C 211 23.86 -3.14 -26.55
C SER C 211 22.69 -3.93 -27.15
N GLY C 212 21.58 -3.96 -26.42
CA GLY C 212 20.38 -4.62 -26.90
C GLY C 212 19.23 -3.66 -27.08
N ALA C 213 18.75 -3.52 -28.30
CA ALA C 213 17.72 -2.55 -28.64
C ALA C 213 16.35 -3.24 -28.74
N CYS C 214 15.36 -2.48 -29.19
CA CYS C 214 13.99 -2.99 -29.32
C CYS C 214 13.78 -3.81 -30.58
N ASP C 215 14.72 -3.79 -31.52
CA ASP C 215 14.61 -4.57 -32.74
C ASP C 215 15.10 -6.01 -32.58
N ALA C 216 15.22 -6.48 -31.35
CA ALA C 216 15.63 -7.86 -31.05
C ALA C 216 16.98 -8.19 -31.67
N SER C 217 17.90 -7.23 -31.62
CA SER C 217 19.25 -7.42 -32.14
C SER C 217 20.24 -6.88 -31.11
N ALA C 218 21.23 -7.71 -30.77
CA ALA C 218 22.28 -7.32 -29.82
C ALA C 218 23.55 -7.07 -30.60
N LYS C 219 24.13 -5.88 -30.42
CA LYS C 219 25.29 -5.46 -31.18
C LYS C 219 26.51 -5.32 -30.27
N LEU C 220 27.66 -5.80 -30.75
CA LEU C 220 28.93 -5.70 -30.05
C LEU C 220 29.69 -4.52 -30.63
N TRP C 221 29.91 -3.49 -29.81
CA TRP C 221 30.55 -2.26 -30.24
C TRP C 221 32.05 -2.30 -29.93
N ASP C 222 32.75 -1.24 -30.31
CA ASP C 222 34.17 -1.09 -30.05
C ASP C 222 34.41 0.31 -29.54
N VAL C 223 34.86 0.43 -28.28
CA VAL C 223 35.03 1.74 -27.67
C VAL C 223 36.12 2.53 -28.38
N ARG C 224 37.26 1.90 -28.62
CA ARG C 224 38.39 2.61 -29.23
C ARG C 224 38.12 2.93 -30.69
N GLU C 225 37.64 1.95 -31.46
CA GLU C 225 37.42 2.18 -32.89
C GLU C 225 36.17 3.02 -33.13
N GLY C 226 35.11 2.77 -32.38
CA GLY C 226 33.86 3.48 -32.58
C GLY C 226 32.95 2.90 -33.64
N MET C 227 33.16 1.64 -34.02
CA MET C 227 32.36 1.00 -35.05
C MET C 227 31.83 -0.34 -34.54
N CYS C 228 30.67 -0.73 -35.06
CA CYS C 228 30.10 -2.02 -34.71
C CYS C 228 30.93 -3.15 -35.28
N ARG C 229 30.93 -4.29 -34.59
CA ARG C 229 31.69 -5.45 -35.00
C ARG C 229 30.81 -6.64 -35.35
N GLN C 230 29.92 -7.05 -34.44
CA GLN C 230 29.08 -8.23 -34.66
C GLN C 230 27.65 -7.92 -34.24
N THR C 231 26.71 -8.61 -34.88
CA THR C 231 25.29 -8.48 -34.58
C THR C 231 24.70 -9.86 -34.38
N PHE C 232 23.95 -10.03 -33.29
CA PHE C 232 23.33 -11.30 -32.95
C PHE C 232 21.82 -11.13 -32.92
N THR C 233 21.12 -12.03 -33.59
CA THR C 233 19.66 -12.06 -33.62
C THR C 233 19.17 -13.41 -33.11
N GLY C 234 17.86 -13.50 -32.92
CA GLY C 234 17.26 -14.72 -32.44
C GLY C 234 16.13 -14.49 -31.44
N HIS C 235 15.90 -13.23 -31.11
CA HIS C 235 14.82 -12.87 -30.20
C HIS C 235 13.59 -12.43 -30.98
N GLU C 236 12.43 -12.53 -30.32
CA GLU C 236 11.16 -12.20 -30.95
C GLU C 236 10.54 -10.91 -30.43
N SER C 237 11.03 -10.36 -29.32
CA SER C 237 10.46 -9.17 -28.73
C SER C 237 11.59 -8.27 -28.23
N ASP C 238 11.21 -7.26 -27.45
CA ASP C 238 12.17 -6.28 -26.97
C ASP C 238 13.15 -6.91 -25.99
N ILE C 239 14.41 -6.51 -26.06
CA ILE C 239 15.45 -6.98 -25.16
C ILE C 239 15.59 -5.99 -24.02
N ASN C 240 15.45 -6.48 -22.79
CA ASN C 240 15.43 -5.60 -21.63
C ASN C 240 16.73 -5.61 -20.82
N ALA C 241 17.48 -6.72 -20.84
CA ALA C 241 18.68 -6.82 -20.02
C ALA C 241 19.77 -7.55 -20.81
N ILE C 242 21.01 -7.30 -20.41
CA ILE C 242 22.17 -7.92 -21.04
C ILE C 242 23.31 -7.90 -20.04
N CYS C 243 24.18 -8.91 -20.11
CA CYS C 243 25.32 -9.00 -19.19
C CYS C 243 26.33 -9.98 -19.77
N PHE C 244 27.61 -9.71 -19.50
CA PHE C 244 28.69 -10.56 -19.97
C PHE C 244 28.92 -11.74 -19.04
N PHE C 245 29.53 -12.78 -19.61
CA PHE C 245 30.13 -13.83 -18.82
C PHE C 245 31.33 -13.26 -18.06
N PRO C 246 31.66 -13.82 -16.89
CA PRO C 246 32.80 -13.27 -16.12
C PRO C 246 34.11 -13.27 -16.89
N ASN C 247 34.29 -14.16 -17.85
CA ASN C 247 35.52 -14.19 -18.64
C ASN C 247 35.51 -13.19 -19.79
N GLY C 248 34.37 -12.61 -20.12
CA GLY C 248 34.28 -11.66 -21.21
C GLY C 248 34.16 -12.27 -22.58
N ASN C 249 33.94 -13.58 -22.66
CA ASN C 249 33.91 -14.29 -23.94
C ASN C 249 32.49 -14.56 -24.42
N ALA C 250 31.49 -14.35 -23.57
CA ALA C 250 30.11 -14.64 -23.92
C ALA C 250 29.19 -13.75 -23.09
N PHE C 251 27.93 -13.68 -23.51
CA PHE C 251 26.97 -12.83 -22.81
C PHE C 251 25.59 -13.47 -22.91
N ALA C 252 24.68 -12.98 -22.07
CA ALA C 252 23.32 -13.50 -21.97
C ALA C 252 22.32 -12.37 -22.11
N THR C 253 21.25 -12.63 -22.86
CA THR C 253 20.22 -11.65 -23.14
C THR C 253 18.88 -12.13 -22.61
N GLY C 254 18.09 -11.19 -22.10
CA GLY C 254 16.74 -11.47 -21.67
C GLY C 254 15.77 -10.52 -22.35
N SER C 255 14.65 -11.07 -22.80
CA SER C 255 13.67 -10.32 -23.58
C SER C 255 12.31 -10.33 -22.90
N ASP C 256 11.32 -9.77 -23.58
CA ASP C 256 9.97 -9.68 -23.06
C ASP C 256 9.10 -10.89 -23.37
N ASP C 257 9.58 -11.82 -24.22
CA ASP C 257 8.80 -12.99 -24.59
C ASP C 257 9.08 -14.18 -23.67
N ALA C 258 9.53 -13.93 -22.44
CA ALA C 258 9.74 -14.96 -21.42
C ALA C 258 10.75 -16.01 -21.89
N THR C 259 11.96 -15.54 -22.16
CA THR C 259 13.05 -16.43 -22.53
C THR C 259 14.37 -15.74 -22.26
N CYS C 260 15.42 -16.54 -22.13
CA CYS C 260 16.79 -16.04 -22.01
C CYS C 260 17.67 -16.79 -23.01
N ARG C 261 18.71 -16.13 -23.50
CA ARG C 261 19.58 -16.77 -24.49
C ARG C 261 21.03 -16.46 -24.16
N LEU C 262 21.91 -17.42 -24.48
CA LEU C 262 23.34 -17.26 -24.27
C LEU C 262 24.04 -17.23 -25.63
N PHE C 263 24.69 -16.12 -25.94
CA PHE C 263 25.40 -15.98 -27.21
C PHE C 263 26.89 -16.23 -27.01
N ASP C 264 27.64 -16.15 -28.10
CA ASP C 264 29.07 -16.44 -28.08
C ASP C 264 29.78 -15.47 -29.02
N LEU C 265 30.73 -14.70 -28.49
CA LEU C 265 31.46 -13.73 -29.31
C LEU C 265 32.32 -14.42 -30.36
N ARG C 266 33.13 -15.39 -29.95
CA ARG C 266 34.08 -16.02 -30.88
C ARG C 266 33.35 -16.85 -31.93
N ALA C 267 32.39 -17.67 -31.50
CA ALA C 267 31.66 -18.50 -32.45
C ALA C 267 30.66 -17.69 -33.28
N ASP C 268 30.33 -16.47 -32.85
CA ASP C 268 29.39 -15.61 -33.57
C ASP C 268 28.06 -16.32 -33.81
N GLN C 269 27.61 -17.06 -32.81
CA GLN C 269 26.40 -17.85 -32.95
C GLN C 269 25.76 -18.03 -31.57
N GLU C 270 24.43 -18.16 -31.57
CA GLU C 270 23.71 -18.46 -30.35
C GLU C 270 24.11 -19.84 -29.82
N LEU C 271 24.28 -19.93 -28.51
CA LEU C 271 24.69 -21.19 -27.89
C LEU C 271 23.50 -22.03 -27.46
N MET C 272 22.68 -21.50 -26.55
CA MET C 272 21.52 -22.24 -26.05
C MET C 272 20.64 -21.29 -25.25
N THR C 273 19.41 -21.76 -24.99
CA THR C 273 18.36 -20.92 -24.44
C THR C 273 17.82 -21.49 -23.13
N TYR C 274 17.25 -20.59 -22.33
CA TYR C 274 16.60 -20.89 -21.06
C TYR C 274 15.14 -20.50 -21.18
N SER C 275 14.24 -21.48 -21.02
CA SER C 275 12.81 -21.22 -21.11
C SER C 275 12.06 -22.31 -20.36
N HIS C 276 10.81 -22.00 -20.00
CA HIS C 276 9.95 -22.94 -19.31
C HIS C 276 8.52 -22.74 -19.79
N ASP C 277 7.72 -23.81 -19.67
CA ASP C 277 6.33 -23.76 -20.14
C ASP C 277 5.40 -23.01 -19.20
N ASN C 278 5.80 -22.81 -17.95
CA ASN C 278 4.98 -22.12 -16.97
C ASN C 278 5.28 -20.62 -16.88
N ILE C 279 6.16 -20.11 -17.75
CA ILE C 279 6.56 -18.70 -17.74
C ILE C 279 6.01 -18.01 -18.97
N ILE C 280 5.27 -16.92 -18.76
CA ILE C 280 4.68 -16.14 -19.83
C ILE C 280 4.91 -14.64 -19.65
N CYS C 281 5.61 -14.24 -18.59
CA CYS C 281 5.90 -12.84 -18.29
C CYS C 281 7.34 -12.51 -18.69
N GLY C 282 7.58 -11.25 -19.03
CA GLY C 282 8.87 -10.84 -19.52
C GLY C 282 9.93 -10.72 -18.42
N ILE C 283 11.17 -10.57 -18.86
CA ILE C 283 12.32 -10.46 -17.97
C ILE C 283 12.71 -9.00 -17.86
N THR C 284 12.99 -8.56 -16.63
CA THR C 284 13.39 -7.18 -16.36
C THR C 284 14.87 -7.01 -16.04
N SER C 285 15.58 -8.08 -15.69
CA SER C 285 17.00 -7.98 -15.38
C SER C 285 17.60 -9.37 -15.36
N VAL C 286 18.86 -9.46 -15.79
CA VAL C 286 19.63 -10.70 -15.74
C VAL C 286 21.00 -10.40 -15.15
N SER C 287 21.65 -11.45 -14.63
CA SER C 287 22.98 -11.32 -14.06
C SER C 287 23.61 -12.70 -13.96
N PHE C 288 24.93 -12.71 -13.80
CA PHE C 288 25.71 -13.93 -13.64
C PHE C 288 26.29 -13.99 -12.23
N SER C 289 27.00 -15.09 -11.96
CA SER C 289 27.68 -15.28 -10.69
C SER C 289 29.18 -15.02 -10.87
N LYS C 290 29.93 -15.20 -9.78
CA LYS C 290 31.37 -14.97 -9.84
C LYS C 290 32.06 -15.95 -10.79
N SER C 291 31.67 -17.22 -10.74
CA SER C 291 32.25 -18.22 -11.62
C SER C 291 31.44 -18.43 -12.90
N GLY C 292 30.34 -17.69 -13.07
CA GLY C 292 29.53 -17.85 -14.27
C GLY C 292 28.73 -19.13 -14.34
N ARG C 293 28.39 -19.71 -13.19
CA ARG C 293 27.63 -20.96 -13.15
C ARG C 293 26.15 -20.73 -12.91
N LEU C 294 25.78 -19.75 -12.08
CA LEU C 294 24.39 -19.47 -11.76
C LEU C 294 23.95 -18.20 -12.47
N LEU C 295 22.80 -18.25 -13.13
CA LEU C 295 22.25 -17.12 -13.86
C LEU C 295 21.00 -16.65 -13.14
N LEU C 296 21.05 -15.43 -12.62
CA LEU C 296 19.91 -14.83 -11.94
C LEU C 296 19.06 -14.06 -12.94
N ALA C 297 17.75 -14.25 -12.88
CA ALA C 297 16.83 -13.55 -13.78
C ALA C 297 15.61 -13.10 -13.01
N GLY C 298 15.33 -11.79 -13.04
CA GLY C 298 14.18 -11.26 -12.33
C GLY C 298 12.98 -11.14 -13.24
N TYR C 299 12.00 -12.04 -13.06
CA TYR C 299 10.84 -12.05 -13.93
C TYR C 299 9.80 -11.03 -13.47
N ASP C 300 8.75 -10.87 -14.29
CA ASP C 300 7.70 -9.91 -13.99
C ASP C 300 6.73 -10.39 -12.91
N ASP C 301 6.53 -11.70 -12.79
CA ASP C 301 5.51 -12.22 -11.87
C ASP C 301 6.02 -12.28 -10.44
N PHE C 302 6.58 -11.17 -9.94
CA PHE C 302 6.97 -11.00 -8.55
C PHE C 302 8.06 -11.97 -8.11
N ASN C 303 8.62 -12.75 -9.04
CA ASN C 303 9.54 -13.83 -8.74
C ASN C 303 10.93 -13.50 -9.26
N CYS C 304 11.86 -14.39 -8.92
CA CYS C 304 13.24 -14.32 -9.41
C CYS C 304 13.76 -15.75 -9.49
N ASN C 305 14.37 -16.10 -10.61
CA ASN C 305 14.78 -17.48 -10.87
C ASN C 305 16.29 -17.58 -10.95
N VAL C 306 16.80 -18.74 -10.56
CA VAL C 306 18.23 -19.04 -10.57
C VAL C 306 18.42 -20.23 -11.50
N TRP C 307 18.71 -19.95 -12.77
CA TRP C 307 18.93 -21.00 -13.75
C TRP C 307 20.32 -21.61 -13.57
N ASP C 308 20.68 -22.54 -14.46
CA ASP C 308 22.00 -23.14 -14.48
C ASP C 308 22.63 -22.83 -15.83
N ALA C 309 23.84 -22.26 -15.79
CA ALA C 309 24.47 -21.78 -17.02
C ALA C 309 24.89 -22.91 -17.95
N LEU C 310 24.88 -24.16 -17.49
CA LEU C 310 25.31 -25.28 -18.32
C LEU C 310 24.25 -26.35 -18.50
N LYS C 311 23.15 -26.32 -17.75
CA LYS C 311 22.13 -27.35 -17.84
C LYS C 311 20.74 -26.84 -18.16
N ALA C 312 20.50 -25.53 -18.08
CA ALA C 312 19.20 -24.93 -18.35
C ALA C 312 18.12 -25.53 -17.44
N ASP C 313 18.49 -25.89 -16.21
CA ASP C 313 17.57 -26.46 -15.25
C ASP C 313 17.41 -25.51 -14.08
N ARG C 314 16.16 -25.19 -13.74
CA ARG C 314 15.89 -24.31 -12.61
C ARG C 314 16.37 -24.96 -11.32
N ALA C 315 17.04 -24.17 -10.48
CA ALA C 315 17.64 -24.68 -9.26
C ALA C 315 17.33 -23.80 -8.05
N GLY C 316 16.34 -22.92 -8.16
CA GLY C 316 15.98 -22.07 -7.05
C GLY C 316 15.15 -20.86 -7.44
N VAL C 317 14.21 -20.48 -6.57
CA VAL C 317 13.34 -19.34 -6.81
C VAL C 317 13.43 -18.42 -5.59
N LEU C 318 13.57 -17.12 -5.84
CA LEU C 318 13.69 -16.11 -4.79
C LEU C 318 12.39 -15.32 -4.76
N ALA C 319 11.41 -15.82 -4.00
CA ALA C 319 10.10 -15.18 -3.88
C ALA C 319 10.05 -14.43 -2.55
N GLY C 320 10.26 -13.12 -2.60
CA GLY C 320 10.21 -12.31 -1.41
C GLY C 320 9.60 -10.93 -1.62
N HIS C 321 9.14 -10.66 -2.83
CA HIS C 321 8.65 -9.34 -3.20
C HIS C 321 7.14 -9.36 -3.42
N ASP C 322 6.49 -8.25 -3.09
CA ASP C 322 5.07 -8.07 -3.28
C ASP C 322 4.71 -7.37 -4.57
N ASN C 323 5.69 -7.06 -5.42
CA ASN C 323 5.45 -6.36 -6.67
C ASN C 323 6.51 -6.78 -7.68
N ARG C 324 6.46 -6.16 -8.86
CA ARG C 324 7.35 -6.52 -9.95
C ARG C 324 8.80 -6.22 -9.60
N VAL C 325 9.68 -7.16 -9.89
CA VAL C 325 11.11 -6.97 -9.66
C VAL C 325 11.69 -6.18 -10.82
N SER C 326 12.37 -5.07 -10.51
CA SER C 326 12.84 -4.15 -11.53
C SER C 326 14.36 -4.08 -11.67
N CYS C 327 15.12 -4.44 -10.64
CA CYS C 327 16.56 -4.36 -10.73
C CYS C 327 17.19 -5.47 -9.90
N LEU C 328 18.38 -5.91 -10.33
CA LEU C 328 19.07 -7.00 -9.67
C LEU C 328 20.57 -6.80 -9.85
N GLY C 329 21.35 -7.28 -8.88
CA GLY C 329 22.78 -7.12 -8.93
C GLY C 329 23.49 -8.15 -8.08
N VAL C 330 24.72 -8.47 -8.47
CA VAL C 330 25.56 -9.44 -7.77
C VAL C 330 26.91 -8.79 -7.51
N THR C 331 27.39 -8.94 -6.27
CA THR C 331 28.66 -8.32 -5.89
C THR C 331 29.82 -8.92 -6.67
N ASP C 332 30.98 -8.25 -6.57
CA ASP C 332 32.16 -8.72 -7.28
C ASP C 332 32.64 -10.06 -6.76
N ASP C 333 32.59 -10.26 -5.44
CA ASP C 333 33.01 -11.51 -4.84
C ASP C 333 31.93 -12.58 -4.85
N GLY C 334 30.73 -12.26 -5.32
CA GLY C 334 29.66 -13.25 -5.36
C GLY C 334 29.11 -13.65 -4.02
N MET C 335 29.29 -12.83 -2.99
CA MET C 335 28.83 -13.20 -1.66
C MET C 335 27.32 -13.10 -1.54
N ALA C 336 26.73 -12.03 -2.07
CA ALA C 336 25.30 -11.79 -1.91
C ALA C 336 24.73 -11.24 -3.21
N VAL C 337 23.40 -11.33 -3.33
CA VAL C 337 22.68 -10.81 -4.49
C VAL C 337 21.58 -9.88 -3.99
N ALA C 338 21.51 -8.68 -4.58
CA ALA C 338 20.55 -7.66 -4.16
C ALA C 338 19.48 -7.49 -5.22
N THR C 339 18.22 -7.52 -4.81
CA THR C 339 17.08 -7.36 -5.69
C THR C 339 16.23 -6.19 -5.23
N GLY C 340 15.85 -5.33 -6.17
CA GLY C 340 14.97 -4.21 -5.88
C GLY C 340 13.74 -4.24 -6.77
N SER C 341 12.57 -4.09 -6.17
CA SER C 341 11.30 -4.25 -6.86
C SER C 341 10.51 -2.94 -6.82
N TRP C 342 9.30 -2.98 -7.38
CA TRP C 342 8.39 -1.85 -7.35
C TRP C 342 7.71 -1.68 -5.99
N ASP C 343 8.01 -2.54 -5.03
CA ASP C 343 7.44 -2.48 -3.69
C ASP C 343 8.18 -1.49 -2.80
N SER C 344 9.21 -0.83 -3.32
CA SER C 344 10.03 0.14 -2.59
C SER C 344 10.88 -0.50 -1.50
N PHE C 345 11.35 -1.73 -1.73
CA PHE C 345 12.19 -2.43 -0.79
C PHE C 345 13.34 -3.11 -1.54
N LEU C 346 14.54 -3.02 -0.97
CA LEU C 346 15.70 -3.75 -1.48
C LEU C 346 15.97 -4.93 -0.54
N LYS C 347 16.14 -6.11 -1.11
CA LYS C 347 16.39 -7.31 -0.31
C LYS C 347 17.68 -7.97 -0.77
N ILE C 348 18.47 -8.43 0.21
CA ILE C 348 19.77 -9.04 -0.03
C ILE C 348 19.67 -10.51 0.35
N TRP C 349 20.12 -11.37 -0.56
CA TRP C 349 20.07 -12.82 -0.37
C TRP C 349 21.48 -13.39 -0.37
N ASN C 350 21.67 -14.45 0.41
CA ASN C 350 22.95 -15.12 0.54
C ASN C 350 22.75 -16.58 0.92
N ALA D 12 21.49 3.27 -47.73
CA ALA D 12 21.48 1.88 -48.16
C ALA D 12 22.90 1.37 -48.40
N ARG D 13 23.75 2.24 -48.93
CA ARG D 13 25.14 1.85 -49.19
C ARG D 13 25.90 1.63 -47.89
N LYS D 14 25.57 2.39 -46.83
CA LYS D 14 26.25 2.23 -45.56
C LYS D 14 26.01 0.85 -44.97
N LEU D 15 24.76 0.35 -45.06
CA LEU D 15 24.46 -0.99 -44.56
C LEU D 15 25.23 -2.06 -45.32
N VAL D 16 25.30 -1.92 -46.65
CA VAL D 16 26.03 -2.89 -47.45
C VAL D 16 27.51 -2.86 -47.09
N GLU D 17 28.08 -1.67 -46.92
CA GLU D 17 29.48 -1.56 -46.55
C GLU D 17 29.74 -2.19 -45.18
N GLN D 18 28.85 -1.93 -44.22
CA GLN D 18 29.01 -2.52 -42.89
C GLN D 18 28.93 -4.04 -42.95
N LEU D 19 27.98 -4.58 -43.72
CA LEU D 19 27.86 -6.03 -43.85
C LEU D 19 29.10 -6.62 -44.50
N LYS D 20 29.63 -5.97 -45.55
CA LYS D 20 30.83 -6.46 -46.20
C LYS D 20 32.03 -6.43 -45.25
N MET D 21 32.15 -5.37 -44.46
CA MET D 21 33.27 -5.27 -43.52
C MET D 21 33.18 -6.32 -42.42
N GLU D 22 31.97 -6.54 -41.89
CA GLU D 22 31.80 -7.51 -40.80
C GLU D 22 31.71 -8.95 -41.29
N ALA D 23 31.59 -9.18 -42.59
CA ALA D 23 31.45 -10.54 -43.09
C ALA D 23 32.77 -11.31 -43.03
N ASN D 24 33.90 -10.63 -43.19
CA ASN D 24 35.20 -11.29 -43.23
C ASN D 24 35.85 -11.18 -41.84
N ILE D 25 35.38 -12.04 -40.93
CA ILE D 25 35.93 -12.13 -39.59
C ILE D 25 36.22 -13.60 -39.29
N ASP D 26 37.11 -13.82 -38.33
CA ASP D 26 37.51 -15.17 -37.96
C ASP D 26 36.49 -15.82 -37.04
N ARG D 27 36.20 -17.08 -37.27
CA ARG D 27 35.27 -17.85 -36.46
C ARG D 27 35.92 -19.16 -36.03
N ILE D 28 35.40 -19.72 -34.93
CA ILE D 28 35.89 -20.99 -34.40
C ILE D 28 34.69 -21.91 -34.20
N LYS D 29 34.99 -23.20 -34.07
CA LYS D 29 33.95 -24.20 -33.90
C LYS D 29 33.22 -24.01 -32.57
N VAL D 30 31.92 -24.32 -32.58
CA VAL D 30 31.10 -24.16 -31.38
C VAL D 30 31.56 -25.12 -30.29
N SER D 31 32.00 -26.32 -30.66
CA SER D 31 32.43 -27.29 -29.66
C SER D 31 33.61 -26.78 -28.84
N LYS D 32 34.58 -26.14 -29.50
CA LYS D 32 35.73 -25.61 -28.78
C LYS D 32 35.33 -24.53 -27.79
N ALA D 33 34.45 -23.61 -28.21
CA ALA D 33 34.00 -22.56 -27.31
C ALA D 33 33.21 -23.13 -26.13
N ALA D 34 32.36 -24.12 -26.39
CA ALA D 34 31.61 -24.76 -25.31
C ALA D 34 32.54 -25.46 -24.33
N ALA D 35 33.57 -26.14 -24.85
CA ALA D 35 34.54 -26.78 -23.97
C ALA D 35 35.30 -25.75 -23.13
N ASP D 36 35.65 -24.62 -23.74
CA ASP D 36 36.32 -23.56 -22.98
C ASP D 36 35.42 -23.02 -21.88
N LEU D 37 34.14 -22.81 -22.19
CA LEU D 37 33.21 -22.34 -21.17
C LEU D 37 33.07 -23.34 -20.04
N MET D 38 32.96 -24.63 -20.37
CA MET D 38 32.85 -25.66 -19.34
C MET D 38 34.11 -25.70 -18.48
N ALA D 39 35.29 -25.59 -19.10
CA ALA D 39 36.54 -25.59 -18.34
C ALA D 39 36.62 -24.40 -17.41
N TYR D 40 36.22 -23.22 -17.89
CA TYR D 40 36.24 -22.03 -17.03
C TYR D 40 35.26 -22.18 -15.87
N CYS D 41 34.07 -22.73 -16.13
CA CYS D 41 33.09 -22.93 -15.08
C CYS D 41 33.61 -23.91 -14.03
N GLU D 42 34.30 -24.97 -14.48
CA GLU D 42 34.81 -25.96 -13.54
C GLU D 42 36.02 -25.44 -12.76
N ALA D 43 36.83 -24.57 -13.37
CA ALA D 43 38.04 -24.11 -12.72
C ALA D 43 37.76 -23.29 -11.47
N HIS D 44 36.75 -22.41 -11.52
CA HIS D 44 36.45 -21.50 -10.43
C HIS D 44 35.31 -21.98 -9.54
N ALA D 45 34.99 -23.27 -9.59
CA ALA D 45 33.92 -23.80 -8.75
C ALA D 45 34.32 -23.83 -7.28
N LYS D 46 35.62 -23.82 -6.97
CA LYS D 46 36.06 -23.87 -5.58
C LYS D 46 35.84 -22.54 -4.86
N GLU D 47 35.96 -21.42 -5.57
CA GLU D 47 35.78 -20.10 -4.97
C GLU D 47 34.49 -19.50 -5.54
N ASP D 48 33.37 -19.82 -4.89
CA ASP D 48 32.06 -19.29 -5.24
C ASP D 48 31.15 -19.39 -4.03
N PRO D 49 30.92 -18.29 -3.30
CA PRO D 49 30.09 -18.36 -2.10
C PRO D 49 28.65 -18.78 -2.36
N LEU D 50 28.16 -18.63 -3.59
CA LEU D 50 26.78 -18.99 -3.88
C LEU D 50 26.63 -20.49 -4.10
N LEU D 51 27.54 -21.09 -4.87
CA LEU D 51 27.48 -22.53 -5.10
C LEU D 51 27.72 -23.31 -3.82
N THR D 52 28.80 -22.99 -3.11
CA THR D 52 29.13 -23.62 -1.84
C THR D 52 28.96 -22.60 -0.72
N PRO D 53 27.92 -22.68 0.09
CA PRO D 53 27.69 -21.65 1.12
C PRO D 53 28.88 -21.55 2.07
N VAL D 54 29.27 -20.31 2.35
CA VAL D 54 30.36 -20.02 3.27
C VAL D 54 29.87 -20.23 4.69
N PRO D 55 30.69 -20.81 5.57
CA PRO D 55 30.28 -20.93 6.98
C PRO D 55 30.06 -19.56 7.61
N ALA D 56 29.17 -19.53 8.61
CA ALA D 56 28.75 -18.27 9.20
C ALA D 56 29.90 -17.52 9.88
N SER D 57 31.02 -18.19 10.14
CA SER D 57 32.16 -17.52 10.75
C SER D 57 32.69 -16.41 9.85
N GLU D 58 32.80 -16.67 8.55
CA GLU D 58 33.32 -15.70 7.59
C GLU D 58 32.22 -15.05 6.75
N ASN D 59 30.95 -15.24 7.11
CA ASN D 59 29.85 -14.69 6.33
C ASN D 59 29.54 -13.29 6.83
N PRO D 60 29.75 -12.24 6.04
CA PRO D 60 29.40 -10.88 6.50
C PRO D 60 27.92 -10.70 6.79
N PHE D 61 27.05 -11.38 6.04
CA PHE D 61 25.61 -11.24 6.25
C PHE D 61 25.08 -12.38 7.11
N LYS E 1 -17.42 -5.56 36.31
CA LYS E 1 -18.56 -6.41 36.63
C LYS E 1 -19.79 -6.04 35.81
N PRO E 2 -20.30 -7.00 35.03
CA PRO E 2 -21.57 -6.77 34.33
C PRO E 2 -22.70 -6.58 35.32
N VAL E 3 -23.64 -5.70 34.96
CA VAL E 3 -24.76 -5.39 35.84
C VAL E 3 -25.68 -6.60 36.01
N SER E 4 -25.71 -7.50 35.02
CA SER E 4 -26.65 -8.61 35.05
C SER E 4 -26.41 -9.56 36.22
N LEU E 5 -25.14 -9.85 36.51
CA LEU E 5 -24.79 -10.81 37.55
C LEU E 5 -24.31 -10.16 38.84
N SER E 6 -24.62 -8.89 39.03
CA SER E 6 -24.26 -8.21 40.27
C SER E 6 -25.12 -8.70 41.43
N TYR E 7 -24.71 -8.34 42.64
CA TYR E 7 -25.38 -8.76 43.86
C TYR E 7 -26.29 -7.66 44.38
N ARG E 8 -27.51 -8.03 44.77
CA ARG E 8 -28.49 -7.10 45.30
C ARG E 8 -29.14 -7.72 46.53
N CYS E 9 -28.93 -7.12 47.70
CA CYS E 9 -29.57 -7.63 48.91
C CYS E 9 -31.06 -7.27 48.91
N PRO E 10 -31.92 -8.18 49.37
CA PRO E 10 -33.37 -8.04 49.11
C PRO E 10 -34.05 -6.84 49.76
N CYS E 11 -33.95 -6.71 51.07
CA CYS E 11 -34.78 -5.75 51.80
C CYS E 11 -34.21 -4.35 51.69
N ARG E 12 -34.99 -3.45 51.10
CA ARG E 12 -34.60 -2.05 50.92
C ARG E 12 -35.76 -1.15 51.34
N PHE E 13 -35.41 0.02 51.87
CA PHE E 13 -36.38 1.02 52.29
C PHE E 13 -37.32 0.46 53.37
N PHE E 14 -36.72 0.12 54.51
CA PHE E 14 -37.48 -0.43 55.63
C PHE E 14 -38.41 0.64 56.21
N GLU E 15 -39.51 0.18 56.79
CA GLU E 15 -40.51 1.04 57.39
C GLU E 15 -40.40 1.03 58.91
N SER E 16 -41.10 1.97 59.54
CA SER E 16 -41.12 2.11 60.99
C SER E 16 -42.54 2.32 61.49
N HIS E 17 -43.50 1.59 60.92
CA HIS E 17 -44.90 1.72 61.30
C HIS E 17 -45.56 0.40 61.67
N VAL E 18 -44.84 -0.72 61.59
CA VAL E 18 -45.44 -2.01 61.90
C VAL E 18 -45.62 -2.14 63.41
N ALA E 19 -46.82 -2.51 63.84
CA ALA E 19 -47.11 -2.67 65.25
C ALA E 19 -46.63 -4.04 65.75
N ARG E 20 -46.36 -4.10 67.05
CA ARG E 20 -45.90 -5.36 67.64
C ARG E 20 -47.02 -6.40 67.69
N ALA E 21 -48.27 -5.96 67.83
CA ALA E 21 -49.39 -6.89 67.89
C ALA E 21 -49.61 -7.65 66.59
N ASN E 22 -49.15 -7.10 65.47
CA ASN E 22 -49.32 -7.75 64.17
C ASN E 22 -48.23 -8.76 63.86
N VAL E 23 -47.26 -8.95 64.75
CA VAL E 23 -46.17 -9.88 64.53
C VAL E 23 -46.67 -11.29 64.81
N LYS E 24 -46.46 -12.20 63.86
CA LYS E 24 -46.87 -13.59 64.00
C LYS E 24 -45.69 -14.56 63.98
N HIS E 25 -44.71 -14.34 63.12
CA HIS E 25 -43.53 -15.19 63.03
C HIS E 25 -42.27 -14.32 63.04
N LEU E 26 -41.18 -14.89 63.53
CA LEU E 26 -39.91 -14.18 63.65
C LEU E 26 -38.85 -14.90 62.82
N LYS E 27 -38.16 -14.14 61.97
CA LYS E 27 -37.07 -14.68 61.16
C LYS E 27 -36.15 -13.55 60.75
N ILE E 28 -34.85 -13.80 60.79
CA ILE E 28 -33.84 -12.81 60.44
C ILE E 28 -32.95 -13.39 59.35
N LEU E 29 -32.83 -12.66 58.25
CA LEU E 29 -31.97 -13.09 57.15
C LEU E 29 -30.51 -12.80 57.47
N ASN E 30 -29.65 -13.79 57.25
CA ASN E 30 -28.22 -13.65 57.50
C ASN E 30 -27.55 -13.23 56.20
N THR E 31 -27.46 -11.91 56.00
CA THR E 31 -26.87 -11.37 54.79
C THR E 31 -25.95 -10.20 55.13
N PRO E 32 -24.66 -10.28 54.76
CA PRO E 32 -23.75 -9.17 55.03
C PRO E 32 -23.75 -8.14 53.91
N ASN E 33 -22.89 -7.13 54.03
CA ASN E 33 -22.69 -6.06 53.06
C ASN E 33 -23.92 -5.18 52.87
N CYS E 34 -24.94 -5.32 53.73
CA CYS E 34 -26.11 -4.46 53.71
C CYS E 34 -26.57 -4.23 55.15
N ALA E 35 -27.60 -3.42 55.29
CA ALA E 35 -28.23 -3.23 56.59
C ALA E 35 -28.89 -4.53 57.05
N LEU E 36 -28.89 -4.75 58.37
CA LEU E 36 -29.48 -5.95 58.92
C LEU E 36 -30.95 -6.05 58.54
N GLN E 37 -31.35 -7.20 58.03
CA GLN E 37 -32.71 -7.44 57.57
C GLN E 37 -33.36 -8.52 58.42
N ILE E 38 -34.54 -8.20 58.96
CA ILE E 38 -35.34 -9.14 59.73
C ILE E 38 -36.67 -9.31 59.01
N VAL E 39 -36.97 -10.53 58.61
CA VAL E 39 -38.18 -10.83 57.84
C VAL E 39 -39.15 -11.48 58.82
N ALA E 40 -40.03 -10.66 59.38
CA ALA E 40 -41.04 -11.12 60.33
C ALA E 40 -42.40 -11.15 59.65
N ARG E 41 -43.06 -12.30 59.70
CA ARG E 41 -44.36 -12.44 59.07
C ARG E 41 -45.41 -11.67 59.84
N LEU E 42 -46.22 -10.89 59.13
CA LEU E 42 -47.28 -10.11 59.75
C LEU E 42 -48.51 -10.99 59.99
N LYS E 43 -49.47 -10.43 60.72
CA LYS E 43 -50.73 -11.12 61.00
C LYS E 43 -51.88 -10.64 60.13
N ASN E 44 -51.81 -9.42 59.60
CA ASN E 44 -52.89 -8.90 58.77
C ASN E 44 -53.05 -9.71 57.49
N ASN E 45 -51.94 -10.05 56.83
CA ASN E 45 -52.00 -10.80 55.59
C ASN E 45 -50.93 -11.89 55.49
N ASN E 46 -50.28 -12.24 56.59
CA ASN E 46 -49.25 -13.28 56.61
C ASN E 46 -48.12 -12.97 55.62
N ARG E 47 -47.80 -11.69 55.47
CA ARG E 47 -46.76 -11.24 54.56
C ARG E 47 -45.57 -10.72 55.37
N GLN E 48 -44.38 -11.21 55.04
CA GLN E 48 -43.17 -10.77 55.72
C GLN E 48 -42.80 -9.35 55.31
N VAL E 49 -41.92 -8.75 56.10
CA VAL E 49 -41.44 -7.40 55.83
C VAL E 49 -40.17 -7.17 56.65
N CYS E 50 -39.32 -6.27 56.17
CA CYS E 50 -38.12 -5.85 56.89
C CYS E 50 -38.31 -4.43 57.39
N ILE E 51 -38.03 -4.22 58.68
CA ILE E 51 -38.20 -2.93 59.34
C ILE E 51 -36.91 -2.57 60.06
N ASP E 52 -36.75 -1.27 60.31
CA ASP E 52 -35.55 -0.79 60.99
C ASP E 52 -35.59 -1.19 62.45
N PRO E 53 -34.42 -1.37 63.08
CA PRO E 53 -34.37 -1.78 64.48
C PRO E 53 -34.42 -0.64 65.49
N LYS E 54 -34.72 0.58 65.07
CA LYS E 54 -34.77 1.72 65.97
C LYS E 54 -36.07 1.79 66.77
N LEU E 55 -37.05 0.95 66.46
CA LEU E 55 -38.31 0.95 67.18
C LEU E 55 -38.11 0.51 68.63
N LYS E 56 -38.93 1.08 69.52
CA LYS E 56 -38.84 0.72 70.93
C LYS E 56 -39.15 -0.75 71.16
N TRP E 57 -40.17 -1.27 70.48
CA TRP E 57 -40.48 -2.70 70.58
C TRP E 57 -39.34 -3.54 70.01
N ILE E 58 -38.78 -3.11 68.88
CA ILE E 58 -37.65 -3.83 68.28
C ILE E 58 -36.45 -3.79 69.20
N GLN E 59 -36.19 -2.64 69.83
CA GLN E 59 -35.08 -2.54 70.76
C GLN E 59 -35.28 -3.45 71.97
N GLU E 60 -36.51 -3.51 72.49
CA GLU E 60 -36.80 -4.39 73.62
C GLU E 60 -36.62 -5.85 73.23
N TYR E 61 -37.09 -6.22 72.02
CA TYR E 61 -36.92 -7.60 71.56
C TYR E 61 -35.44 -7.95 71.40
N LEU E 62 -34.65 -7.02 70.87
CA LEU E 62 -33.22 -7.26 70.73
C LEU E 62 -32.54 -7.39 72.09
N GLU E 63 -32.92 -6.55 73.05
CA GLU E 63 -32.35 -6.62 74.39
C GLU E 63 -32.86 -7.81 75.18
N LYS E 64 -33.93 -8.47 74.73
CA LYS E 64 -34.47 -9.64 75.41
C LYS E 64 -34.01 -10.94 74.74
N ALA E 65 -32.80 -10.97 74.21
CA ALA E 65 -32.27 -12.17 73.56
C ALA E 65 -30.80 -12.37 73.91
#